data_4GH7
#
_entry.id   4GH7
#
_cell.length_a   107.126
_cell.length_b   107.126
_cell.length_c   233.156
_cell.angle_alpha   90.000
_cell.angle_beta   90.000
_cell.angle_gamma   90.000
#
_symmetry.space_group_name_H-M   'P 43 21 2'
#
loop_
_entity.id
_entity.type
_entity.pdbx_description
1 polymer 'Neutrophil gelatinase-associated lipocalin'
2 polymer Fibronectin
3 water water
#
loop_
_entity_poly.entity_id
_entity_poly.type
_entity_poly.pdbx_seq_one_letter_code
_entity_poly.pdbx_strand_id
1 'polypeptide(L)'
;QDSTSDLIPAPPLSKVPLQQNFQDNQFHGKWYVVGKAGNHDLREDKDPRKMQATIYELKEDKSYNVTNVRFVHKKCNYRI
WTFVPGSQPGEFTLGNIKSWPGLTSWLVRVVSTNYNQHAMVFFKRVYQNRELFEITLYGRTKELTNELKENFIRFSKSLG
LPENHIVFPVPIDQCIDGSAWSHPQFEK
;
A,C
2 'polypeptide(L)'
;MPLSPPTNLHLEANPDTGVLTVSWERSTTPDITGYRITTTPTNGQQGNSLEEVVHADQSSCTFDNLSPGLEYNVSVYTVK
DDKESVPISDTIIPEVPQLTDLSFVDITDSSIGLRWTPLNSSTIIGYRITVVAAGEGIPIFEDFVDSSVGYYTVTGLEPG
IDYDISVITLINGGESAPTTLTQQTAVPPPTDLRFTNIGPDTMRVTWAPPPSIDLTNFLVRYSPVKNEEDVAELSISPSD
NAVVLTNLLPGTEYVVSVSSVYEQHESTPLRGRQKTGSAHHHHHH
;
B,D
#
# COMPACT_ATOMS: atom_id res chain seq x y z
N SER A 5 18.51 8.70 -24.33
CA SER A 5 18.96 8.22 -22.98
C SER A 5 19.01 9.36 -21.95
N ASP A 6 19.68 10.46 -22.31
CA ASP A 6 19.91 11.59 -21.41
C ASP A 6 18.62 12.39 -21.14
N LEU A 7 18.52 12.92 -19.92
CA LEU A 7 17.29 13.53 -19.44
C LEU A 7 17.47 14.99 -18.99
N ILE A 8 16.58 15.85 -19.45
CA ILE A 8 16.48 17.19 -18.92
C ILE A 8 15.95 17.06 -17.50
N PRO A 9 16.64 17.65 -16.51
CA PRO A 9 16.20 17.53 -15.13
C PRO A 9 14.76 18.00 -14.95
N ALA A 10 14.04 17.38 -14.01
CA ALA A 10 12.67 17.81 -13.71
C ALA A 10 12.69 19.22 -13.10
N PRO A 11 11.70 20.06 -13.46
CA PRO A 11 11.60 21.39 -12.86
C PRO A 11 11.21 21.27 -11.39
N PRO A 12 11.58 22.27 -10.56
CA PRO A 12 11.08 22.26 -9.19
C PRO A 12 9.59 22.50 -9.23
N LEU A 13 8.88 22.05 -8.20
CA LEU A 13 7.44 22.11 -8.23
C LEU A 13 6.85 23.50 -8.07
N SER A 14 7.64 24.42 -7.52
CA SER A 14 7.37 25.85 -7.60
C SER A 14 7.07 26.35 -9.02
N LYS A 15 7.53 25.60 -10.02
CA LYS A 15 7.34 26.00 -11.43
C LYS A 15 6.07 25.43 -12.08
N VAL A 16 5.38 24.54 -11.37
CA VAL A 16 4.20 23.89 -11.90
C VAL A 16 2.97 24.28 -11.09
N PRO A 17 2.11 25.17 -11.63
CA PRO A 17 0.95 25.58 -10.85
C PRO A 17 -0.11 24.51 -10.76
N LEU A 18 -1.06 24.71 -9.85
CA LEU A 18 -2.17 23.79 -9.60
C LEU A 18 -3.46 24.56 -9.82
N GLN A 19 -4.33 24.02 -10.69
CA GLN A 19 -5.63 24.60 -10.95
C GLN A 19 -6.34 24.83 -9.62
N GLN A 20 -6.75 26.07 -9.35
CA GLN A 20 -7.38 26.36 -8.06
C GLN A 20 -8.78 25.78 -8.06
N ASN A 21 -9.25 25.42 -6.87
CA ASN A 21 -10.57 24.82 -6.72
C ASN A 21 -10.92 23.84 -7.83
N PHE A 22 -10.15 22.76 -7.89
CA PHE A 22 -10.33 21.73 -8.88
C PHE A 22 -11.63 20.99 -8.60
N GLN A 23 -12.39 20.75 -9.66
CA GLN A 23 -13.66 20.05 -9.57
C GLN A 23 -13.52 18.70 -10.23
N ASP A 24 -13.28 17.67 -9.42
CA ASP A 24 -13.10 16.32 -9.97
C ASP A 24 -14.26 15.84 -10.85
N ASN A 25 -15.48 16.20 -10.49
CA ASN A 25 -16.66 15.79 -11.26
C ASN A 25 -16.86 16.52 -12.61
N GLN A 26 -16.08 17.57 -12.85
CA GLN A 26 -16.14 18.31 -14.11
C GLN A 26 -14.95 18.01 -15.03
N PHE A 27 -13.90 17.44 -14.46
CA PHE A 27 -12.72 17.01 -15.22
C PHE A 27 -12.98 15.64 -15.84
N HIS A 28 -13.94 14.91 -15.25
CA HIS A 28 -14.48 13.64 -15.73
C HIS A 28 -14.67 13.59 -17.26
N GLY A 29 -14.45 12.42 -17.84
CA GLY A 29 -14.77 12.16 -19.26
C GLY A 29 -13.59 12.12 -20.21
N LYS A 30 -13.88 12.13 -21.51
CA LYS A 30 -12.86 12.03 -22.55
C LYS A 30 -12.07 13.31 -22.73
N TRP A 31 -10.76 13.17 -22.90
CA TRP A 31 -9.89 14.26 -23.29
C TRP A 31 -8.99 13.78 -24.42
N TYR A 32 -8.90 14.57 -25.49
CA TYR A 32 -8.02 14.24 -26.61
C TYR A 32 -6.63 14.80 -26.34
N VAL A 33 -5.61 14.07 -26.78
CA VAL A 33 -4.23 14.53 -26.63
C VAL A 33 -3.85 15.38 -27.84
N VAL A 34 -3.93 16.70 -27.65
CA VAL A 34 -3.72 17.68 -28.71
C VAL A 34 -2.24 18.07 -28.78
N GLY A 35 -1.59 18.06 -27.63
CA GLY A 35 -0.16 18.35 -27.54
C GLY A 35 0.50 17.58 -26.42
N LYS A 36 1.78 17.24 -26.61
CA LYS A 36 2.56 16.55 -25.61
C LYS A 36 4.03 16.95 -25.68
N ALA A 37 4.66 17.09 -24.52
CA ALA A 37 6.09 17.39 -24.41
C ALA A 37 6.70 16.57 -23.28
N GLY A 38 7.88 16.01 -23.53
CA GLY A 38 8.56 15.18 -22.52
C GLY A 38 10.06 15.45 -22.42
N ASN A 39 10.68 14.93 -21.36
CA ASN A 39 12.11 15.13 -21.16
C ASN A 39 13.01 14.07 -21.79
N HIS A 40 12.40 13.11 -22.48
CA HIS A 40 13.14 12.04 -23.15
C HIS A 40 13.37 12.36 -24.62
N ASP A 41 14.56 12.03 -25.11
CA ASP A 41 14.91 12.20 -26.52
C ASP A 41 13.88 11.55 -27.44
N LEU A 42 13.48 12.28 -28.47
CA LEU A 42 12.43 11.81 -29.36
C LEU A 42 13.04 11.28 -30.64
N ARG A 43 12.82 9.99 -30.89
CA ARG A 43 13.21 9.40 -32.17
C ARG A 43 12.09 9.58 -33.17
N GLU A 44 12.43 10.13 -34.34
CA GLU A 44 11.46 10.34 -35.41
C GLU A 44 11.48 9.15 -36.36
N ASP A 45 10.35 8.48 -36.46
CA ASP A 45 10.22 7.22 -37.21
C ASP A 45 10.14 7.42 -38.72
N LYS A 46 10.19 8.68 -39.16
CA LYS A 46 9.79 9.10 -40.51
C LYS A 46 8.27 9.20 -40.61
N ASP A 47 7.63 9.29 -39.44
CA ASP A 47 6.17 9.39 -39.32
C ASP A 47 5.79 10.48 -38.32
N PRO A 48 4.74 11.26 -38.63
CA PRO A 48 4.15 12.12 -37.61
C PRO A 48 3.33 11.28 -36.63
N ARG A 49 3.15 11.77 -35.41
CA ARG A 49 2.46 11.01 -34.38
C ARG A 49 0.94 11.15 -34.49
N LYS A 50 0.24 10.04 -34.25
CA LYS A 50 -1.22 10.01 -34.32
C LYS A 50 -1.83 10.39 -32.97
N MET A 51 -2.97 11.07 -33.01
CA MET A 51 -3.66 11.54 -31.79
C MET A 51 -4.18 10.38 -30.93
N GLN A 52 -4.14 10.58 -29.62
CA GLN A 52 -4.68 9.61 -28.66
C GLN A 52 -5.79 10.25 -27.83
N ALA A 53 -6.50 9.41 -27.08
CA ALA A 53 -7.51 9.90 -26.14
C ALA A 53 -7.23 9.33 -24.75
N THR A 54 -7.62 10.07 -23.71
CA THR A 54 -7.50 9.61 -22.33
C THR A 54 -8.79 9.90 -21.56
N ILE A 55 -9.40 8.85 -21.01
CA ILE A 55 -10.69 8.95 -20.33
C ILE A 55 -10.54 8.87 -18.80
N TYR A 56 -10.96 9.92 -18.09
CA TYR A 56 -10.90 9.97 -16.63
C TYR A 56 -12.25 9.68 -15.98
N GLU A 57 -12.48 8.43 -15.56
CA GLU A 57 -13.71 8.07 -14.87
C GLU A 57 -13.61 8.30 -13.37
N LEU A 58 -14.48 9.14 -12.83
CA LEU A 58 -14.50 9.37 -11.37
C LEU A 58 -15.28 8.25 -10.66
N LYS A 59 -14.71 7.78 -9.54
CA LYS A 59 -15.31 6.67 -8.78
C LYS A 59 -15.86 7.16 -7.42
N GLU A 60 -16.59 6.28 -6.73
CA GLU A 60 -17.21 6.61 -5.44
C GLU A 60 -16.21 6.95 -4.32
N ASP A 61 -15.02 6.36 -4.38
CA ASP A 61 -13.96 6.68 -3.42
C ASP A 61 -13.14 7.89 -3.87
N LYS A 62 -13.67 8.63 -4.85
CA LYS A 62 -13.05 9.87 -5.39
C LYS A 62 -11.70 9.66 -6.09
N SER A 63 -11.44 8.43 -6.51
CA SER A 63 -10.26 8.11 -7.32
C SER A 63 -10.66 8.05 -8.79
N TYR A 64 -9.68 8.15 -9.68
CA TYR A 64 -9.93 8.10 -11.12
C TYR A 64 -9.51 6.79 -11.76
N ASN A 65 -10.40 6.22 -12.57
CA ASN A 65 -10.06 5.13 -13.45
C ASN A 65 -9.66 5.72 -14.80
N VAL A 66 -8.35 5.84 -15.04
CA VAL A 66 -7.80 6.48 -16.24
C VAL A 66 -7.51 5.46 -17.34
N THR A 67 -8.10 5.65 -18.51
CA THR A 67 -7.88 4.77 -19.66
C THR A 67 -7.30 5.53 -20.87
N ASN A 68 -6.07 5.21 -21.22
CA ASN A 68 -5.43 5.74 -22.42
C ASN A 68 -5.74 4.85 -23.64
N VAL A 69 -6.11 5.49 -24.75
CA VAL A 69 -6.54 4.78 -25.95
C VAL A 69 -5.66 5.17 -27.15
N ARG A 70 -5.15 4.16 -27.87
CA ARG A 70 -4.21 4.40 -28.97
C ARG A 70 -4.48 3.54 -30.20
N PHE A 71 -4.19 4.11 -31.36
CA PHE A 71 -4.21 3.38 -32.61
C PHE A 71 -2.76 3.12 -33.03
N VAL A 72 -2.27 1.94 -32.64
CA VAL A 72 -0.88 1.55 -32.92
C VAL A 72 -0.82 0.15 -33.53
N HIS A 73 0.04 0.00 -34.55
CA HIS A 73 0.18 -1.26 -35.28
C HIS A 73 -1.16 -1.83 -35.78
N LYS A 74 -2.04 -0.95 -36.26
CA LYS A 74 -3.34 -1.31 -36.88
C LYS A 74 -4.41 -1.88 -35.92
N LYS A 75 -4.17 -1.79 -34.61
CA LYS A 75 -5.14 -2.25 -33.61
C LYS A 75 -5.45 -1.14 -32.62
N CYS A 76 -6.50 -1.35 -31.81
CA CYS A 76 -6.75 -0.49 -30.68
C CYS A 76 -6.02 -1.05 -29.47
N ASN A 77 -5.26 -0.20 -28.79
CA ASN A 77 -4.55 -0.57 -27.58
C ASN A 77 -5.00 0.26 -26.38
N TYR A 78 -5.45 -0.42 -25.33
CA TYR A 78 -5.89 0.24 -24.12
C TYR A 78 -4.94 -0.01 -22.96
N ARG A 79 -4.76 1.02 -22.13
CA ARG A 79 -3.97 0.92 -20.90
C ARG A 79 -4.70 1.63 -19.77
N ILE A 80 -4.76 0.97 -18.61
CA ILE A 80 -5.50 1.46 -17.47
C ILE A 80 -4.60 1.72 -16.24
N TRP A 81 -4.88 2.82 -15.54
CA TRP A 81 -4.22 3.13 -14.26
C TRP A 81 -5.24 3.59 -13.23
N THR A 82 -4.89 3.45 -11.96
CA THR A 82 -5.68 4.01 -10.86
C THR A 82 -4.96 5.23 -10.27
N PHE A 83 -5.59 6.39 -10.38
CA PHE A 83 -5.06 7.64 -9.85
C PHE A 83 -5.82 7.98 -8.57
N VAL A 84 -5.09 8.13 -7.46
CA VAL A 84 -5.69 8.43 -6.17
C VAL A 84 -5.38 9.87 -5.77
N PRO A 85 -6.33 10.58 -5.11
CA PRO A 85 -6.10 11.99 -4.80
C PRO A 85 -4.84 12.19 -3.96
N GLY A 86 -4.04 13.18 -4.33
CA GLY A 86 -2.85 13.55 -3.56
C GLY A 86 -3.19 14.50 -2.44
N SER A 87 -2.20 15.26 -1.99
CA SER A 87 -2.37 16.21 -0.88
C SER A 87 -3.50 17.22 -1.12
N GLN A 88 -3.59 17.75 -2.34
CA GLN A 88 -4.57 18.78 -2.70
C GLN A 88 -5.47 18.36 -3.86
N PRO A 89 -6.63 19.02 -4.00
CA PRO A 89 -7.46 18.80 -5.19
C PRO A 89 -6.72 19.19 -6.47
N GLY A 90 -6.76 18.32 -7.48
CA GLY A 90 -6.01 18.55 -8.71
C GLY A 90 -4.75 17.72 -8.80
N GLU A 91 -4.34 17.17 -7.65
CA GLU A 91 -3.18 16.30 -7.55
C GLU A 91 -3.55 14.84 -7.37
N PHE A 92 -2.75 13.98 -7.98
CA PHE A 92 -2.98 12.53 -7.95
C PHE A 92 -1.66 11.76 -7.93
N THR A 93 -1.70 10.61 -7.28
CA THR A 93 -0.62 9.65 -7.38
C THR A 93 -1.20 8.31 -7.82
N LEU A 94 -0.34 7.30 -7.91
CA LEU A 94 -0.74 5.99 -8.34
C LEU A 94 -1.17 5.15 -7.12
N GLY A 95 -2.38 4.61 -7.17
CA GLY A 95 -2.82 3.65 -6.17
C GLY A 95 -1.86 2.48 -6.22
N ASN A 96 -1.55 1.92 -5.05
CA ASN A 96 -0.63 0.78 -4.97
C ASN A 96 0.70 0.97 -5.70
N ILE A 97 1.39 2.09 -5.45
CA ILE A 97 2.69 2.36 -6.06
C ILE A 97 3.80 1.40 -5.57
N LYS A 98 3.65 0.87 -4.36
CA LYS A 98 4.61 -0.10 -3.84
C LYS A 98 4.44 -1.48 -4.49
N SER A 99 3.44 -1.61 -5.35
CA SER A 99 3.23 -2.84 -6.12
C SER A 99 4.23 -2.99 -7.27
N TRP A 100 4.79 -1.87 -7.73
CA TRP A 100 5.60 -1.82 -8.94
C TRP A 100 7.08 -1.65 -8.62
N PRO A 101 7.86 -2.73 -8.76
CA PRO A 101 9.30 -2.72 -8.46
C PRO A 101 10.00 -1.63 -9.25
N GLY A 102 10.82 -0.86 -8.56
CA GLY A 102 11.60 0.20 -9.18
C GLY A 102 10.88 1.50 -9.41
N LEU A 103 9.55 1.51 -9.34
CA LEU A 103 8.76 2.73 -9.52
C LEU A 103 8.46 3.39 -8.17
N THR A 104 9.25 4.40 -7.84
CA THR A 104 9.26 4.93 -6.49
C THR A 104 8.49 6.24 -6.34
N SER A 105 8.10 6.82 -7.45
CA SER A 105 7.43 8.12 -7.39
C SER A 105 6.55 8.32 -8.60
N TRP A 106 5.37 8.90 -8.39
CA TRP A 106 4.45 9.15 -9.48
C TRP A 106 3.51 10.27 -9.07
N LEU A 107 3.54 11.37 -9.82
CA LEU A 107 2.74 12.56 -9.53
C LEU A 107 2.01 13.05 -10.76
N VAL A 108 0.72 13.30 -10.61
CA VAL A 108 -0.08 13.97 -11.63
C VAL A 108 -0.65 15.25 -11.03
N ARG A 109 -0.54 16.33 -11.79
CA ARG A 109 -1.05 17.62 -11.35
C ARG A 109 -1.73 18.36 -12.51
N VAL A 110 -3.02 18.66 -12.34
CA VAL A 110 -3.76 19.43 -13.33
C VAL A 110 -3.34 20.90 -13.23
N VAL A 111 -2.57 21.35 -14.21
CA VAL A 111 -2.00 22.70 -14.17
C VAL A 111 -3.08 23.75 -14.33
N SER A 112 -3.94 23.57 -15.34
CA SER A 112 -5.03 24.49 -15.64
C SER A 112 -6.04 23.82 -16.54
N THR A 113 -7.31 24.13 -16.30
CA THR A 113 -8.39 23.67 -17.16
C THR A 113 -9.60 24.59 -17.04
N ASN A 114 -10.45 24.58 -18.07
CA ASN A 114 -11.78 25.16 -17.96
C ASN A 114 -12.87 24.08 -18.11
N TYR A 115 -12.44 22.81 -18.03
CA TYR A 115 -13.36 21.65 -17.96
C TYR A 115 -14.13 21.30 -19.24
N ASN A 116 -14.53 22.31 -19.99
CA ASN A 116 -15.35 22.11 -21.18
C ASN A 116 -14.60 22.33 -22.50
N GLN A 117 -13.35 22.77 -22.41
CA GLN A 117 -12.55 23.03 -23.61
C GLN A 117 -11.13 22.46 -23.59
N HIS A 118 -10.33 22.86 -22.60
CA HIS A 118 -8.90 22.56 -22.58
C HIS A 118 -8.36 22.19 -21.19
N ALA A 119 -7.22 21.52 -21.18
CA ALA A 119 -6.52 21.19 -19.94
C ALA A 119 -5.02 21.07 -20.20
N MET A 120 -4.23 21.37 -19.19
CA MET A 120 -2.80 21.10 -19.21
C MET A 120 -2.48 20.28 -17.97
N VAL A 121 -1.85 19.13 -18.20
CA VAL A 121 -1.59 18.20 -17.12
C VAL A 121 -0.09 17.89 -17.07
N PHE A 122 0.46 17.88 -15.86
CA PHE A 122 1.89 17.62 -15.65
C PHE A 122 2.02 16.26 -14.97
N PHE A 123 2.84 15.39 -15.57
CA PHE A 123 3.09 14.04 -15.03
C PHE A 123 4.56 13.93 -14.70
N LYS A 124 4.87 13.45 -13.50
CA LYS A 124 6.25 13.17 -13.12
C LYS A 124 6.32 11.79 -12.49
N ARG A 125 7.39 11.06 -12.78
CA ARG A 125 7.66 9.78 -12.12
C ARG A 125 9.14 9.47 -12.05
N VAL A 126 9.53 8.67 -11.07
CA VAL A 126 10.88 8.18 -10.97
C VAL A 126 10.80 6.66 -11.10
N TYR A 127 11.44 6.14 -12.13
CA TYR A 127 11.51 4.70 -12.34
C TYR A 127 12.96 4.29 -12.43
N GLN A 128 13.36 3.36 -11.58
CA GLN A 128 14.76 2.91 -11.51
C GLN A 128 15.74 4.08 -11.42
N ASN A 129 15.40 5.07 -10.60
CA ASN A 129 16.28 6.21 -10.33
C ASN A 129 16.45 7.19 -11.52
N ARG A 130 15.56 7.09 -12.52
CA ARG A 130 15.50 8.05 -13.63
C ARG A 130 14.22 8.88 -13.54
N GLU A 131 14.36 10.20 -13.57
CA GLU A 131 13.21 11.09 -13.43
C GLU A 131 12.68 11.49 -14.80
N LEU A 132 11.42 11.15 -15.05
CA LEU A 132 10.76 11.40 -16.31
C LEU A 132 9.55 12.27 -16.09
N PHE A 133 9.35 13.24 -16.98
CA PHE A 133 8.19 14.11 -16.87
C PHE A 133 7.62 14.49 -18.24
N GLU A 134 6.31 14.73 -18.26
CA GLU A 134 5.61 15.12 -19.48
C GLU A 134 4.56 16.20 -19.17
N ILE A 135 4.19 16.95 -20.20
CA ILE A 135 3.05 17.86 -20.13
C ILE A 135 2.12 17.56 -21.30
N THR A 136 0.85 17.39 -20.98
CA THR A 136 -0.14 17.13 -22.00
C THR A 136 -1.12 18.29 -22.07
N LEU A 137 -1.34 18.74 -23.29
CA LEU A 137 -2.41 19.65 -23.61
C LEU A 137 -3.57 18.77 -24.03
N TYR A 138 -4.63 18.76 -23.22
CA TYR A 138 -5.84 18.01 -23.54
C TYR A 138 -6.89 18.94 -24.12
N GLY A 139 -7.73 18.42 -25.00
CA GLY A 139 -8.88 19.17 -25.50
C GLY A 139 -10.14 18.32 -25.46
N ARG A 140 -11.30 18.97 -25.32
CA ARG A 140 -12.57 18.25 -25.37
C ARG A 140 -12.91 17.81 -26.79
N THR A 141 -12.46 18.62 -27.76
CA THR A 141 -12.48 18.25 -29.18
C THR A 141 -11.07 17.94 -29.61
N LYS A 142 -10.89 17.60 -30.88
CA LYS A 142 -9.60 17.19 -31.41
C LYS A 142 -8.71 18.37 -31.76
N GLU A 143 -9.29 19.58 -31.76
CA GLU A 143 -8.54 20.78 -32.15
C GLU A 143 -8.62 21.85 -31.07
N LEU A 144 -7.59 22.69 -31.01
CA LEU A 144 -7.56 23.81 -30.08
C LEU A 144 -7.01 25.08 -30.73
N THR A 145 -7.36 26.21 -30.13
CA THR A 145 -6.92 27.54 -30.55
C THR A 145 -5.41 27.64 -30.59
N ASN A 146 -4.89 28.41 -31.55
CA ASN A 146 -3.47 28.73 -31.60
C ASN A 146 -2.94 29.31 -30.29
N GLU A 147 -3.68 30.28 -29.75
CA GLU A 147 -3.36 30.92 -28.49
C GLU A 147 -3.09 29.86 -27.40
N LEU A 148 -4.01 28.91 -27.27
CA LEU A 148 -3.88 27.81 -26.33
C LEU A 148 -2.66 26.93 -26.61
N LYS A 149 -2.44 26.59 -27.88
CA LYS A 149 -1.28 25.77 -28.26
C LYS A 149 0.02 26.51 -27.97
N GLU A 150 0.04 27.81 -28.28
CA GLU A 150 1.17 28.69 -27.96
C GLU A 150 1.45 28.75 -26.47
N ASN A 151 0.38 28.91 -25.68
CA ASN A 151 0.41 28.89 -24.23
C ASN A 151 1.12 27.64 -23.69
N PHE A 152 0.74 26.49 -24.25
CA PHE A 152 1.32 25.18 -23.91
C PHE A 152 2.81 25.13 -24.23
N ILE A 153 3.18 25.63 -25.40
CA ILE A 153 4.58 25.73 -25.82
C ILE A 153 5.32 26.57 -24.78
N ARG A 154 4.77 27.75 -24.51
CA ARG A 154 5.37 28.70 -23.57
C ARG A 154 5.55 28.03 -22.21
N PHE A 155 4.51 27.36 -21.74
CA PHE A 155 4.58 26.65 -20.47
C PHE A 155 5.63 25.52 -20.45
N SER A 156 5.65 24.71 -21.49
CA SER A 156 6.64 23.63 -21.63
C SER A 156 8.07 24.16 -21.61
N LYS A 157 8.29 25.29 -22.29
CA LYS A 157 9.62 25.87 -22.34
C LYS A 157 10.02 26.38 -20.96
N SER A 158 9.05 26.91 -20.22
CA SER A 158 9.29 27.41 -18.86
C SER A 158 9.74 26.27 -17.95
N LEU A 159 9.36 25.04 -18.27
CA LEU A 159 9.78 23.87 -17.51
C LEU A 159 11.17 23.33 -17.90
N GLY A 160 11.78 23.93 -18.92
CA GLY A 160 13.14 23.59 -19.33
C GLY A 160 13.24 22.78 -20.61
N LEU A 161 12.08 22.44 -21.18
CA LEU A 161 12.01 21.63 -22.39
C LEU A 161 12.22 22.50 -23.62
N PRO A 162 13.07 22.03 -24.55
CA PRO A 162 13.30 22.76 -25.80
C PRO A 162 12.14 22.58 -26.78
N GLU A 163 12.05 23.50 -27.74
CA GLU A 163 11.03 23.48 -28.79
C GLU A 163 10.81 22.08 -29.38
N ASN A 164 11.88 21.41 -29.79
CA ASN A 164 11.77 20.10 -30.47
C ASN A 164 11.40 18.92 -29.57
N HIS A 165 11.16 19.18 -28.29
CA HIS A 165 10.62 18.14 -27.43
C HIS A 165 9.08 18.22 -27.39
N ILE A 166 8.53 19.17 -28.13
CA ILE A 166 7.09 19.40 -28.15
C ILE A 166 6.46 18.85 -29.44
N VAL A 167 5.40 18.08 -29.28
CA VAL A 167 4.69 17.49 -30.41
C VAL A 167 3.21 17.79 -30.32
N PHE A 168 2.59 18.02 -31.48
CA PHE A 168 1.14 18.10 -31.61
C PHE A 168 0.71 16.95 -32.53
N PRO A 169 0.15 15.87 -31.95
CA PRO A 169 -0.23 14.71 -32.75
C PRO A 169 -1.33 15.02 -33.76
N VAL A 170 -1.32 14.31 -34.89
CA VAL A 170 -2.29 14.51 -35.96
C VAL A 170 -3.62 13.83 -35.62
N PRO A 171 -4.75 14.57 -35.73
CA PRO A 171 -6.10 14.00 -35.54
C PRO A 171 -6.37 12.78 -36.43
N ILE A 172 -6.91 11.72 -35.82
CA ILE A 172 -7.28 10.49 -36.52
C ILE A 172 -8.68 10.03 -36.11
N ASP A 173 -9.23 9.05 -36.83
CA ASP A 173 -10.58 8.54 -36.54
C ASP A 173 -10.65 7.18 -35.82
N GLN A 174 -9.62 6.36 -35.94
CA GLN A 174 -9.63 5.01 -35.36
C GLN A 174 -9.54 5.02 -33.84
N CYS A 175 -10.29 4.13 -33.20
CA CYS A 175 -10.20 3.86 -31.74
C CYS A 175 -10.70 4.96 -30.79
N ILE A 176 -10.28 6.20 -31.05
CA ILE A 176 -10.43 7.28 -30.06
C ILE A 176 -11.85 7.83 -29.92
N ASP A 177 -12.66 7.73 -30.98
CA ASP A 177 -14.04 8.18 -30.92
C ASP A 177 -14.95 7.16 -30.25
N GLY A 178 -14.91 5.92 -30.72
CA GLY A 178 -15.71 4.83 -30.18
C GLY A 178 -15.14 4.27 -28.88
N PRO B 2 32.79 -13.02 37.23
CA PRO B 2 31.68 -13.74 36.61
C PRO B 2 32.06 -14.52 35.35
N LEU B 3 31.17 -15.40 34.91
CA LEU B 3 31.27 -15.99 33.58
C LEU B 3 31.08 -14.89 32.54
N SER B 4 32.10 -14.63 31.74
CA SER B 4 31.95 -13.60 30.71
C SER B 4 31.19 -14.12 29.49
N PRO B 5 30.13 -13.38 29.09
CA PRO B 5 29.30 -13.66 27.92
C PRO B 5 30.10 -13.71 26.61
N PRO B 6 29.48 -14.18 25.53
CA PRO B 6 30.14 -14.04 24.23
C PRO B 6 30.13 -12.59 23.78
N THR B 7 30.94 -12.25 22.80
CA THR B 7 30.95 -10.90 22.23
C THR B 7 30.77 -10.96 20.73
N ASN B 8 30.72 -9.79 20.08
CA ASN B 8 30.67 -9.69 18.62
C ASN B 8 29.61 -10.60 17.99
N LEU B 9 28.38 -10.53 18.51
CA LEU B 9 27.26 -11.31 18.00
C LEU B 9 26.82 -10.84 16.62
N HIS B 10 26.78 -11.77 15.68
CA HIS B 10 26.38 -11.52 14.29
C HIS B 10 25.30 -12.50 13.87
N LEU B 11 24.28 -11.99 13.18
CA LEU B 11 23.15 -12.80 12.79
C LEU B 11 22.96 -12.72 11.29
N GLU B 12 23.00 -13.86 10.61
CA GLU B 12 22.84 -13.85 9.17
C GLU B 12 21.76 -14.83 8.73
N ALA B 13 20.66 -14.27 8.23
CA ALA B 13 19.56 -15.05 7.73
C ALA B 13 19.65 -15.15 6.21
N ASN B 14 20.02 -16.33 5.72
CA ASN B 14 20.09 -16.58 4.29
C ASN B 14 18.72 -16.98 3.73
N PRO B 15 18.11 -16.10 2.91
CA PRO B 15 16.73 -16.40 2.46
C PRO B 15 16.64 -17.52 1.44
N ASP B 16 17.73 -17.76 0.70
CA ASP B 16 17.75 -18.82 -0.30
C ASP B 16 17.77 -20.24 0.32
N THR B 17 18.48 -20.40 1.43
CA THR B 17 18.53 -21.69 2.12
C THR B 17 17.50 -21.81 3.23
N GLY B 18 16.97 -20.68 3.69
CA GLY B 18 16.04 -20.65 4.81
C GLY B 18 16.72 -20.83 6.17
N VAL B 19 18.04 -20.63 6.21
CA VAL B 19 18.83 -20.97 7.40
C VAL B 19 19.33 -19.70 8.10
N LEU B 20 19.17 -19.66 9.41
CA LEU B 20 19.78 -18.62 10.23
C LEU B 20 21.12 -19.08 10.78
N THR B 21 22.19 -18.34 10.49
CA THR B 21 23.50 -18.59 11.06
C THR B 21 23.82 -17.52 12.10
N VAL B 22 23.93 -17.95 13.35
CA VAL B 22 24.27 -17.11 14.49
C VAL B 22 25.75 -17.31 14.74
N SER B 23 26.51 -16.21 14.88
CA SER B 23 27.94 -16.30 15.19
C SER B 23 28.33 -15.32 16.29
N TRP B 24 29.44 -15.61 16.96
CA TRP B 24 29.93 -14.78 18.04
C TRP B 24 31.44 -14.96 18.21
N GLU B 25 32.05 -14.10 19.01
CA GLU B 25 33.44 -14.28 19.43
C GLU B 25 33.38 -15.02 20.76
N ARG B 26 34.15 -16.09 20.87
CA ARG B 26 34.14 -16.95 22.05
C ARG B 26 34.48 -16.20 23.33
N SER B 27 33.88 -16.64 24.43
CA SER B 27 34.12 -16.07 25.75
C SER B 27 35.60 -16.00 26.10
N THR B 28 35.97 -15.05 26.96
CA THR B 28 37.35 -14.94 27.45
C THR B 28 37.59 -15.88 28.64
N THR B 29 36.52 -16.45 29.19
CA THR B 29 36.64 -17.37 30.33
C THR B 29 37.25 -18.69 29.86
N PRO B 30 38.30 -19.17 30.55
CA PRO B 30 39.19 -20.22 30.03
C PRO B 30 38.62 -21.64 29.99
N ASP B 31 37.79 -22.02 30.96
CA ASP B 31 37.36 -23.42 31.09
C ASP B 31 35.85 -23.61 30.95
N ILE B 32 35.35 -23.58 29.72
CA ILE B 32 33.89 -23.64 29.52
C ILE B 32 33.38 -24.95 28.88
N THR B 33 32.10 -25.23 29.09
CA THR B 33 31.44 -26.42 28.60
C THR B 33 31.04 -26.26 27.14
N GLY B 34 30.37 -25.15 26.85
CA GLY B 34 29.90 -24.83 25.49
C GLY B 34 29.06 -23.57 25.45
N TYR B 35 28.17 -23.50 24.46
CA TYR B 35 27.28 -22.36 24.31
C TYR B 35 25.85 -22.83 24.13
N ARG B 36 24.91 -22.08 24.69
CA ARG B 36 23.49 -22.32 24.49
C ARG B 36 22.92 -21.14 23.73
N ILE B 37 22.24 -21.43 22.62
CA ILE B 37 21.67 -20.39 21.76
C ILE B 37 20.16 -20.59 21.62
N THR B 38 19.39 -19.53 21.86
CA THR B 38 17.94 -19.62 21.75
C THR B 38 17.36 -18.70 20.68
N THR B 39 16.18 -19.07 20.20
CA THR B 39 15.44 -18.36 19.19
C THR B 39 14.06 -18.08 19.75
N THR B 40 13.66 -16.81 19.79
CA THR B 40 12.39 -16.46 20.41
C THR B 40 11.71 -15.34 19.63
N PRO B 41 10.52 -15.62 19.08
CA PRO B 41 9.80 -14.55 18.37
C PRO B 41 9.46 -13.44 19.35
N THR B 42 9.64 -12.18 18.92
CA THR B 42 9.34 -11.02 19.76
C THR B 42 7.85 -10.68 19.77
N ASN B 43 7.16 -11.01 18.68
CA ASN B 43 5.70 -10.95 18.61
C ASN B 43 5.15 -12.17 19.33
N GLY B 44 4.52 -11.94 20.49
CA GLY B 44 4.05 -13.02 21.36
C GLY B 44 2.92 -13.87 20.81
N GLN B 45 2.38 -13.50 19.65
CA GLN B 45 1.27 -14.25 19.03
C GLN B 45 1.73 -15.04 17.81
N GLN B 46 3.03 -15.04 17.54
CA GLN B 46 3.55 -15.67 16.32
C GLN B 46 4.73 -16.59 16.62
N GLY B 47 4.92 -17.59 15.75
CA GLY B 47 6.07 -18.50 15.81
C GLY B 47 6.25 -19.23 17.13
N ASN B 48 7.45 -19.80 17.31
CA ASN B 48 7.83 -20.52 18.55
C ASN B 48 9.33 -20.49 18.82
N SER B 49 9.71 -21.01 19.99
CA SER B 49 11.10 -20.96 20.44
C SER B 49 11.94 -22.17 20.04
N LEU B 50 13.20 -21.94 19.74
CA LEU B 50 14.13 -23.04 19.46
C LEU B 50 15.36 -22.91 20.35
N GLU B 51 16.07 -24.01 20.54
CA GLU B 51 17.28 -24.01 21.35
C GLU B 51 18.35 -24.84 20.67
N GLU B 52 19.56 -24.33 20.66
CA GLU B 52 20.69 -25.07 20.12
C GLU B 52 21.85 -25.09 21.12
N VAL B 53 22.70 -26.09 20.98
CA VAL B 53 23.86 -26.28 21.83
C VAL B 53 25.11 -26.65 21.02
N VAL B 54 26.22 -25.98 21.28
CA VAL B 54 27.49 -26.28 20.59
C VAL B 54 28.65 -26.39 21.59
N HIS B 55 29.77 -26.94 21.12
CA HIS B 55 30.94 -27.17 21.97
C HIS B 55 31.72 -25.91 22.29
N ALA B 56 32.66 -26.03 23.22
CA ALA B 56 33.42 -24.90 23.74
C ALA B 56 34.35 -24.27 22.70
N ASP B 57 34.72 -25.05 21.70
CA ASP B 57 35.61 -24.59 20.64
C ASP B 57 34.86 -24.08 19.41
N GLN B 58 33.52 -24.02 19.50
CA GLN B 58 32.71 -23.60 18.37
C GLN B 58 32.12 -22.22 18.59
N SER B 59 31.96 -21.47 17.52
CA SER B 59 31.49 -20.09 17.66
C SER B 59 30.36 -19.71 16.69
N SER B 60 29.73 -20.72 16.10
CA SER B 60 28.50 -20.52 15.32
C SER B 60 27.56 -21.71 15.49
N CYS B 61 26.29 -21.48 15.17
CA CYS B 61 25.26 -22.52 15.05
C CYS B 61 24.21 -22.10 14.01
N THR B 62 23.39 -23.07 13.62
CA THR B 62 22.32 -22.82 12.65
C THR B 62 20.95 -23.14 13.19
N PHE B 63 19.94 -22.52 12.57
CA PHE B 63 18.54 -22.79 12.83
C PHE B 63 17.86 -22.74 11.48
N ASP B 64 17.21 -23.83 11.07
CA ASP B 64 16.32 -23.74 9.91
C ASP B 64 14.86 -23.71 10.29
N ASN B 65 14.03 -23.37 9.30
CA ASN B 65 12.58 -23.30 9.45
C ASN B 65 12.06 -22.24 10.42
N LEU B 66 12.78 -21.12 10.54
CA LEU B 66 12.19 -19.93 11.13
C LEU B 66 11.25 -19.32 10.10
N SER B 67 10.26 -18.57 10.57
CA SER B 67 9.29 -17.95 9.67
C SER B 67 9.84 -16.66 9.06
N PRO B 68 9.87 -16.61 7.73
CA PRO B 68 10.26 -15.38 7.05
C PRO B 68 9.33 -14.27 7.47
N GLY B 69 9.85 -13.06 7.66
CA GLY B 69 9.01 -11.93 8.05
C GLY B 69 8.71 -11.77 9.53
N LEU B 70 9.00 -12.78 10.35
CA LEU B 70 8.84 -12.61 11.80
C LEU B 70 10.11 -12.07 12.40
N GLU B 71 9.96 -11.29 13.47
CA GLU B 71 11.11 -10.86 14.26
C GLU B 71 11.48 -11.89 15.32
N TYR B 72 12.78 -12.17 15.44
CA TYR B 72 13.28 -13.13 16.42
C TYR B 72 14.38 -12.51 17.24
N ASN B 73 14.26 -12.67 18.56
CA ASN B 73 15.35 -12.38 19.48
C ASN B 73 16.22 -13.61 19.59
N VAL B 74 17.51 -13.42 19.32
CA VAL B 74 18.51 -14.47 19.45
C VAL B 74 19.41 -14.16 20.64
N SER B 75 19.60 -15.13 21.53
CA SER B 75 20.48 -15.00 22.67
C SER B 75 21.53 -16.09 22.68
N VAL B 76 22.77 -15.74 23.02
CA VAL B 76 23.85 -16.71 23.17
C VAL B 76 24.37 -16.62 24.60
N TYR B 77 24.46 -17.78 25.25
CA TYR B 77 24.90 -17.90 26.63
C TYR B 77 26.18 -18.73 26.70
N THR B 78 27.18 -18.24 27.42
CA THR B 78 28.37 -19.03 27.71
C THR B 78 28.00 -20.04 28.80
N VAL B 79 28.35 -21.31 28.59
CA VAL B 79 28.02 -22.39 29.54
C VAL B 79 29.27 -22.97 30.25
N LYS B 80 29.17 -23.08 31.57
CA LYS B 80 30.23 -23.61 32.43
C LYS B 80 29.58 -24.57 33.43
N ASP B 81 29.57 -25.86 33.08
CA ASP B 81 28.92 -26.91 33.88
C ASP B 81 27.43 -26.63 34.08
N ASP B 82 27.06 -26.24 35.30
CA ASP B 82 25.68 -25.95 35.66
C ASP B 82 25.46 -24.45 35.87
N LYS B 83 26.25 -23.65 35.16
CA LYS B 83 26.26 -22.19 35.33
C LYS B 83 26.28 -21.53 33.95
N GLU B 84 25.69 -20.34 33.85
CA GLU B 84 25.62 -19.62 32.58
C GLU B 84 25.95 -18.16 32.73
N SER B 85 26.55 -17.59 31.69
CA SER B 85 26.78 -16.15 31.63
C SER B 85 25.47 -15.42 31.33
N VAL B 86 25.47 -14.13 31.63
CA VAL B 86 24.48 -13.22 31.11
C VAL B 86 24.53 -13.35 29.58
N PRO B 87 23.37 -13.31 28.89
CA PRO B 87 23.43 -13.51 27.45
C PRO B 87 23.83 -12.26 26.69
N ILE B 88 24.32 -12.45 25.48
CA ILE B 88 24.35 -11.39 24.48
C ILE B 88 23.21 -11.67 23.49
N SER B 89 22.50 -10.63 23.09
CA SER B 89 21.28 -10.78 22.32
C SER B 89 21.16 -9.75 21.20
N ASP B 90 20.44 -10.11 20.14
CA ASP B 90 20.09 -9.19 19.08
C ASP B 90 18.85 -9.69 18.33
N THR B 91 18.28 -8.85 17.47
CA THR B 91 17.07 -9.21 16.74
C THR B 91 17.37 -9.28 15.25
N ILE B 92 16.62 -10.14 14.55
CA ILE B 92 16.69 -10.24 13.11
C ILE B 92 15.32 -10.57 12.55
N ILE B 93 15.03 -10.05 11.36
CA ILE B 93 13.82 -10.40 10.63
C ILE B 93 14.25 -11.05 9.32
N PRO B 94 14.24 -12.41 9.27
CA PRO B 94 14.64 -13.12 8.06
C PRO B 94 13.75 -12.74 6.88
N GLU B 95 14.38 -12.53 5.73
CA GLU B 95 13.69 -12.08 4.54
C GLU B 95 12.86 -13.19 3.90
N VAL B 96 11.88 -12.79 3.10
CA VAL B 96 11.08 -13.76 2.33
C VAL B 96 11.93 -14.16 1.14
N PRO B 97 12.03 -15.46 0.84
CA PRO B 97 12.86 -15.91 -0.28
C PRO B 97 12.33 -15.42 -1.63
N GLN B 98 13.23 -15.02 -2.52
CA GLN B 98 12.84 -14.65 -3.87
C GLN B 98 13.15 -15.79 -4.83
N LEU B 99 12.49 -15.79 -5.99
CA LEU B 99 12.72 -16.82 -7.00
C LEU B 99 14.07 -16.67 -7.65
N THR B 100 14.74 -17.81 -7.86
CA THR B 100 16.10 -17.82 -8.40
C THR B 100 16.20 -18.37 -9.83
N ASP B 101 15.08 -18.84 -10.39
CA ASP B 101 15.12 -19.42 -11.75
C ASP B 101 13.94 -19.00 -12.63
N LEU B 102 13.53 -17.74 -12.51
CA LEU B 102 12.54 -17.18 -13.41
C LEU B 102 13.12 -17.19 -14.81
N SER B 103 12.41 -17.83 -15.74
CA SER B 103 12.82 -17.82 -17.14
C SER B 103 11.63 -17.49 -18.03
N PHE B 104 11.91 -17.15 -19.28
CA PHE B 104 10.87 -16.85 -20.25
C PHE B 104 10.79 -17.91 -21.34
N VAL B 105 9.57 -18.12 -21.83
CA VAL B 105 9.25 -19.18 -22.76
C VAL B 105 8.18 -18.65 -23.72
N ASP B 106 7.96 -19.34 -24.84
CA ASP B 106 6.92 -19.00 -25.80
C ASP B 106 6.78 -17.49 -26.04
N ILE B 107 7.89 -16.86 -26.43
CA ILE B 107 7.91 -15.42 -26.71
C ILE B 107 7.33 -15.14 -28.09
N THR B 108 6.28 -14.31 -28.13
CA THR B 108 5.69 -13.89 -29.40
C THR B 108 5.69 -12.36 -29.51
N ASP B 109 5.03 -11.85 -30.53
CA ASP B 109 4.89 -10.41 -30.75
C ASP B 109 4.04 -9.67 -29.70
N SER B 110 3.20 -10.42 -28.99
CA SER B 110 2.23 -9.82 -28.06
C SER B 110 2.14 -10.57 -26.74
N SER B 111 3.00 -11.56 -26.56
CA SER B 111 2.84 -12.47 -25.45
C SER B 111 4.19 -12.92 -24.91
N ILE B 112 4.26 -13.16 -23.60
CA ILE B 112 5.46 -13.69 -22.96
C ILE B 112 5.07 -14.74 -21.92
N GLY B 113 5.61 -15.95 -22.05
CA GLY B 113 5.40 -17.01 -21.04
C GLY B 113 6.47 -16.99 -19.97
N LEU B 114 6.08 -17.29 -18.73
CA LEU B 114 7.01 -17.28 -17.60
C LEU B 114 7.04 -18.65 -16.95
N ARG B 115 8.22 -19.06 -16.49
CA ARG B 115 8.36 -20.30 -15.74
C ARG B 115 9.27 -20.06 -14.54
N TRP B 116 8.98 -20.77 -13.45
CA TRP B 116 9.81 -20.75 -12.27
C TRP B 116 9.48 -21.94 -11.38
N THR B 117 10.43 -22.27 -10.50
CA THR B 117 10.22 -23.30 -9.51
C THR B 117 9.61 -22.66 -8.27
N PRO B 118 8.34 -23.03 -7.94
CA PRO B 118 7.67 -22.53 -6.74
C PRO B 118 8.50 -22.87 -5.51
N LEU B 119 8.71 -21.92 -4.63
CA LEU B 119 9.60 -22.12 -3.49
C LEU B 119 8.96 -23.00 -2.42
N ASN B 120 9.79 -23.78 -1.73
CA ASN B 120 9.34 -24.71 -0.71
C ASN B 120 9.45 -24.09 0.68
N SER B 121 8.63 -23.08 0.92
CA SER B 121 8.57 -22.39 2.20
C SER B 121 7.08 -22.28 2.57
N SER B 122 6.68 -22.96 3.64
CA SER B 122 5.25 -23.18 3.92
C SER B 122 4.37 -21.96 4.22
N THR B 123 4.97 -20.82 4.57
CA THR B 123 4.20 -19.60 4.85
C THR B 123 4.03 -18.71 3.61
N ILE B 124 4.65 -19.12 2.50
CA ILE B 124 4.38 -18.49 1.21
C ILE B 124 2.92 -18.75 0.85
N ILE B 125 2.17 -17.69 0.53
CA ILE B 125 0.76 -17.84 0.16
C ILE B 125 0.43 -17.40 -1.27
N GLY B 126 1.44 -17.03 -2.07
CA GLY B 126 1.21 -16.69 -3.47
C GLY B 126 2.36 -15.93 -4.10
N TYR B 127 2.20 -15.58 -5.38
CA TYR B 127 3.19 -14.75 -6.09
C TYR B 127 2.51 -13.57 -6.77
N ARG B 128 3.22 -12.45 -6.83
CA ARG B 128 2.74 -11.28 -7.55
C ARG B 128 3.56 -11.13 -8.83
N ILE B 129 2.85 -10.99 -9.96
CA ILE B 129 3.48 -10.73 -11.25
C ILE B 129 3.22 -9.28 -11.64
N THR B 130 4.29 -8.57 -11.96
CA THR B 130 4.15 -7.22 -12.47
C THR B 130 4.81 -7.11 -13.83
N VAL B 131 4.25 -6.25 -14.67
CA VAL B 131 4.75 -6.04 -16.02
C VAL B 131 4.83 -4.53 -16.20
N VAL B 132 6.03 -4.02 -16.45
CA VAL B 132 6.24 -2.58 -16.60
C VAL B 132 6.98 -2.35 -17.92
N ALA B 133 6.58 -1.32 -18.68
CA ALA B 133 7.29 -0.93 -19.90
C ALA B 133 8.60 -0.28 -19.52
N ALA B 134 9.71 -0.97 -19.78
CA ALA B 134 11.05 -0.55 -19.41
C ALA B 134 11.48 0.86 -19.86
N GLY B 135 11.09 1.25 -21.07
CA GLY B 135 11.53 2.53 -21.65
C GLY B 135 11.03 3.76 -20.90
N GLU B 136 9.76 3.70 -20.47
CA GLU B 136 9.07 4.84 -19.92
C GLU B 136 8.70 4.67 -18.44
N GLY B 137 8.95 3.49 -17.87
CA GLY B 137 8.47 3.17 -16.54
C GLY B 137 6.96 3.30 -16.38
N ILE B 138 6.22 2.75 -17.35
CA ILE B 138 4.75 2.80 -17.33
C ILE B 138 4.25 1.43 -16.91
N PRO B 139 3.48 1.36 -15.81
CA PRO B 139 2.88 0.09 -15.41
C PRO B 139 1.85 -0.40 -16.43
N ILE B 140 1.95 -1.69 -16.78
CA ILE B 140 1.11 -2.30 -17.82
C ILE B 140 0.12 -3.33 -17.27
N PHE B 141 0.58 -4.21 -16.38
CA PHE B 141 -0.24 -5.33 -15.94
C PHE B 141 0.25 -5.93 -14.62
N GLU B 142 -0.71 -6.43 -13.82
CA GLU B 142 -0.46 -6.95 -12.48
C GLU B 142 -1.40 -8.13 -12.22
N ASP B 143 -0.89 -9.22 -11.64
CA ASP B 143 -1.74 -10.36 -11.30
C ASP B 143 -1.18 -11.19 -10.16
N PHE B 144 -2.01 -12.09 -9.63
CA PHE B 144 -1.64 -12.91 -8.49
C PHE B 144 -1.90 -14.37 -8.78
N VAL B 145 -0.97 -15.24 -8.41
CA VAL B 145 -1.17 -16.69 -8.54
C VAL B 145 -0.94 -17.37 -7.19
N ASP B 146 -1.52 -18.54 -6.98
CA ASP B 146 -1.35 -19.19 -5.69
C ASP B 146 0.05 -19.78 -5.48
N SER B 147 0.33 -20.21 -4.24
CA SER B 147 1.67 -20.61 -3.81
C SER B 147 2.22 -21.84 -4.53
N SER B 148 1.38 -22.57 -5.25
CA SER B 148 1.81 -23.78 -5.94
C SER B 148 1.97 -23.62 -7.45
N VAL B 149 1.76 -22.41 -7.95
CA VAL B 149 1.82 -22.14 -9.39
C VAL B 149 3.22 -21.65 -9.77
N GLY B 150 3.74 -22.16 -10.87
CA GLY B 150 5.06 -21.73 -11.38
C GLY B 150 5.06 -21.44 -12.87
N TYR B 151 3.92 -20.98 -13.38
CA TYR B 151 3.76 -20.67 -14.79
C TYR B 151 2.83 -19.46 -14.95
N TYR B 152 3.06 -18.67 -16.00
CA TYR B 152 2.17 -17.58 -16.31
C TYR B 152 2.42 -17.08 -17.73
N THR B 153 1.34 -16.72 -18.42
CA THR B 153 1.43 -16.15 -19.75
C THR B 153 0.91 -14.72 -19.71
N VAL B 154 1.80 -13.77 -19.97
CA VAL B 154 1.41 -12.38 -20.12
C VAL B 154 0.93 -12.16 -21.55
N THR B 155 -0.27 -11.60 -21.72
CA THR B 155 -0.86 -11.34 -23.03
C THR B 155 -1.21 -9.85 -23.22
N GLY B 156 -1.56 -9.48 -24.45
CA GLY B 156 -1.97 -8.10 -24.76
C GLY B 156 -0.85 -7.09 -24.88
N LEU B 157 0.35 -7.54 -25.23
CA LEU B 157 1.53 -6.69 -25.33
C LEU B 157 1.74 -6.16 -26.75
N GLU B 158 2.64 -5.19 -26.88
CA GLU B 158 3.04 -4.66 -28.19
C GLU B 158 4.36 -5.29 -28.60
N PRO B 159 4.62 -5.39 -29.92
CA PRO B 159 5.87 -5.98 -30.40
C PRO B 159 7.06 -5.02 -30.36
N GLY B 160 8.25 -5.58 -30.25
CA GLY B 160 9.50 -4.82 -30.27
C GLY B 160 9.76 -3.97 -29.04
N ILE B 161 9.07 -4.28 -27.94
CA ILE B 161 9.14 -3.49 -26.72
C ILE B 161 9.83 -4.27 -25.58
N ASP B 162 10.71 -3.60 -24.86
CA ASP B 162 11.29 -4.14 -23.62
C ASP B 162 10.33 -4.01 -22.44
N TYR B 163 10.03 -5.14 -21.80
CA TYR B 163 9.21 -5.17 -20.60
C TYR B 163 10.01 -5.67 -19.40
N ASP B 164 9.99 -4.92 -18.31
CA ASP B 164 10.52 -5.40 -17.04
C ASP B 164 9.44 -6.26 -16.41
N ILE B 165 9.74 -7.53 -16.21
CA ILE B 165 8.77 -8.48 -15.66
C ILE B 165 9.29 -9.00 -14.32
N SER B 166 8.44 -8.90 -13.29
CA SER B 166 8.86 -9.24 -11.95
C SER B 166 7.95 -10.29 -11.34
N VAL B 167 8.54 -11.22 -10.60
CA VAL B 167 7.75 -12.08 -9.74
C VAL B 167 8.20 -11.90 -8.29
N ILE B 168 7.26 -11.53 -7.43
CA ILE B 168 7.54 -11.24 -6.03
C ILE B 168 6.86 -12.31 -5.18
N THR B 169 7.62 -12.92 -4.28
CA THR B 169 7.07 -13.97 -3.41
C THR B 169 6.31 -13.32 -2.27
N LEU B 170 5.13 -13.87 -1.93
CA LEU B 170 4.25 -13.26 -0.92
C LEU B 170 3.99 -14.12 0.33
N ILE B 171 4.00 -13.45 1.49
CA ILE B 171 3.46 -14.02 2.73
C ILE B 171 2.35 -13.11 3.18
N ASN B 172 1.56 -13.52 4.17
CA ASN B 172 0.65 -12.55 4.76
C ASN B 172 1.43 -11.44 5.43
N GLY B 173 1.34 -10.24 4.85
CA GLY B 173 1.88 -9.04 5.46
C GLY B 173 3.32 -8.71 5.09
N GLY B 174 3.84 -9.42 4.10
CA GLY B 174 5.17 -9.14 3.60
C GLY B 174 5.41 -9.78 2.26
N GLU B 175 6.56 -9.47 1.66
CA GLU B 175 6.96 -10.01 0.36
C GLU B 175 8.48 -10.04 0.25
N SER B 176 8.98 -10.80 -0.72
CA SER B 176 10.41 -10.83 -1.02
C SER B 176 10.87 -9.59 -1.80
N ALA B 177 12.18 -9.42 -1.93
CA ALA B 177 12.74 -8.58 -2.98
C ALA B 177 12.23 -9.10 -4.34
N PRO B 178 12.02 -8.20 -5.32
CA PRO B 178 11.44 -8.66 -6.58
C PRO B 178 12.48 -9.38 -7.44
N THR B 179 12.07 -10.46 -8.11
CA THR B 179 12.88 -11.05 -9.14
C THR B 179 12.44 -10.47 -10.47
N THR B 180 13.25 -9.52 -10.95
CA THR B 180 12.96 -8.71 -12.13
C THR B 180 13.91 -9.07 -13.27
N LEU B 181 13.36 -9.27 -14.47
CA LEU B 181 14.16 -9.45 -15.68
C LEU B 181 13.53 -8.69 -16.84
N THR B 182 14.36 -8.21 -17.76
CA THR B 182 13.84 -7.56 -18.97
C THR B 182 13.66 -8.57 -20.10
N GLN B 183 12.47 -8.60 -20.68
CA GLN B 183 12.23 -9.44 -21.86
C GLN B 183 11.56 -8.64 -22.98
N GLN B 184 12.22 -8.60 -24.14
CA GLN B 184 11.65 -7.97 -25.35
C GLN B 184 10.62 -8.87 -26.04
N THR B 185 9.50 -8.30 -26.46
CA THR B 185 8.56 -9.01 -27.32
C THR B 185 9.17 -9.15 -28.72
N ALA B 186 8.82 -10.23 -29.39
CA ALA B 186 9.37 -10.52 -30.73
C ALA B 186 8.89 -9.50 -31.75
N VAL B 187 9.80 -9.06 -32.61
CA VAL B 187 9.40 -8.44 -33.85
C VAL B 187 9.11 -9.58 -34.85
N PRO B 188 7.89 -9.58 -35.43
CA PRO B 188 7.48 -10.66 -36.34
C PRO B 188 8.24 -10.65 -37.67
N PRO B 189 8.80 -11.80 -38.08
CA PRO B 189 9.57 -11.93 -39.31
C PRO B 189 8.71 -11.85 -40.57
N PRO B 190 9.33 -11.50 -41.71
CA PRO B 190 8.63 -11.75 -42.97
C PRO B 190 8.61 -13.25 -43.27
N THR B 191 7.84 -13.66 -44.26
CA THR B 191 7.69 -15.08 -44.60
C THR B 191 7.76 -15.23 -46.10
N ASP B 192 7.92 -16.48 -46.56
CA ASP B 192 7.82 -16.82 -47.97
C ASP B 192 8.77 -16.06 -48.89
N LEU B 193 10.07 -16.30 -48.72
CA LEU B 193 11.08 -15.69 -49.57
C LEU B 193 10.93 -16.16 -51.02
N ARG B 194 11.00 -15.20 -51.95
CA ARG B 194 10.76 -15.46 -53.37
C ARG B 194 11.84 -14.82 -54.25
N PHE B 195 12.27 -15.54 -55.28
CA PHE B 195 13.27 -15.06 -56.22
C PHE B 195 12.74 -15.10 -57.65
N THR B 196 12.62 -13.91 -58.24
CA THR B 196 12.20 -13.78 -59.65
C THR B 196 13.14 -12.86 -60.44
N ASN B 197 12.93 -12.80 -61.76
CA ASN B 197 13.71 -11.96 -62.67
C ASN B 197 15.21 -12.12 -62.44
N ILE B 198 15.69 -13.33 -62.71
CA ILE B 198 17.08 -13.69 -62.48
C ILE B 198 17.90 -13.47 -63.75
N GLY B 199 18.96 -12.67 -63.60
CA GLY B 199 19.93 -12.44 -64.66
C GLY B 199 21.34 -12.72 -64.17
N PRO B 200 22.35 -12.37 -64.99
CA PRO B 200 23.76 -12.53 -64.62
C PRO B 200 24.19 -11.68 -63.42
N ASP B 201 23.72 -10.44 -63.34
CA ASP B 201 24.20 -9.47 -62.33
C ASP B 201 23.12 -8.96 -61.39
N THR B 202 21.89 -9.39 -61.60
CA THR B 202 20.75 -8.84 -60.87
C THR B 202 19.76 -9.91 -60.44
N MET B 203 18.97 -9.61 -59.41
CA MET B 203 17.84 -10.44 -59.00
C MET B 203 16.79 -9.69 -58.18
N ARG B 204 15.53 -10.04 -58.38
CA ARG B 204 14.43 -9.46 -57.63
C ARG B 204 14.12 -10.32 -56.40
N VAL B 205 14.25 -9.72 -55.23
CA VAL B 205 13.94 -10.39 -53.96
C VAL B 205 12.57 -9.93 -53.48
N THR B 206 11.74 -10.89 -53.10
CA THR B 206 10.35 -10.67 -52.70
C THR B 206 10.00 -11.50 -51.47
N TRP B 207 9.12 -10.94 -50.63
CA TRP B 207 8.69 -11.61 -49.42
C TRP B 207 7.27 -11.19 -49.03
N ALA B 208 6.70 -11.92 -48.08
CA ALA B 208 5.43 -11.57 -47.47
C ALA B 208 5.65 -10.86 -46.13
N PRO B 209 5.12 -9.64 -45.98
CA PRO B 209 5.23 -8.87 -44.73
C PRO B 209 4.53 -9.56 -43.58
N PRO B 210 4.99 -9.31 -42.35
CA PRO B 210 4.19 -9.70 -41.19
C PRO B 210 2.88 -8.91 -41.19
N PRO B 211 1.77 -9.57 -40.85
CA PRO B 211 0.47 -8.90 -40.80
C PRO B 211 0.35 -7.87 -39.66
N SER B 212 -0.59 -6.93 -39.82
CA SER B 212 -0.97 -5.97 -38.77
C SER B 212 0.16 -5.56 -37.83
N ILE B 213 1.23 -5.03 -38.42
CA ILE B 213 2.29 -4.34 -37.70
C ILE B 213 2.81 -3.21 -38.60
N ASP B 214 3.29 -2.14 -37.96
CA ASP B 214 3.86 -1.00 -38.66
C ASP B 214 5.35 -0.97 -38.42
N LEU B 215 6.10 -1.47 -39.39
CA LEU B 215 7.55 -1.56 -39.28
C LEU B 215 8.20 -0.22 -39.57
N THR B 216 9.35 0.02 -38.96
CA THR B 216 10.16 1.19 -39.28
C THR B 216 10.68 1.00 -40.70
N ASN B 217 11.26 -0.18 -40.94
CA ASN B 217 11.78 -0.56 -42.24
C ASN B 217 11.95 -2.07 -42.34
N PHE B 218 12.19 -2.56 -43.55
CA PHE B 218 12.75 -3.88 -43.73
C PHE B 218 14.24 -3.72 -43.88
N LEU B 219 14.98 -4.78 -43.56
CA LEU B 219 16.43 -4.75 -43.69
C LEU B 219 16.91 -5.99 -44.43
N VAL B 220 17.41 -5.76 -45.65
CA VAL B 220 17.89 -6.82 -46.54
C VAL B 220 19.41 -6.96 -46.47
N ARG B 221 19.87 -8.18 -46.18
CA ARG B 221 21.29 -8.47 -46.14
C ARG B 221 21.59 -9.57 -47.14
N TYR B 222 22.72 -9.46 -47.83
CA TYR B 222 23.14 -10.48 -48.80
C TYR B 222 24.66 -10.63 -48.93
N SER B 223 25.10 -11.85 -49.19
CA SER B 223 26.52 -12.18 -49.33
C SER B 223 26.71 -13.48 -50.10
N PRO B 224 27.81 -13.60 -50.86
CA PRO B 224 28.17 -14.85 -51.53
C PRO B 224 28.35 -16.01 -50.55
N VAL B 225 27.96 -17.21 -50.96
CA VAL B 225 28.07 -18.40 -50.12
C VAL B 225 29.53 -18.70 -49.77
N LYS B 226 30.41 -18.57 -50.77
CA LYS B 226 31.82 -18.90 -50.63
C LYS B 226 32.53 -17.97 -49.64
N ASN B 227 32.31 -16.66 -49.79
CA ASN B 227 32.82 -15.67 -48.85
C ASN B 227 31.68 -14.95 -48.15
N GLU B 228 31.35 -15.44 -46.95
CA GLU B 228 30.19 -14.96 -46.19
C GLU B 228 30.47 -13.79 -45.25
N GLU B 229 31.73 -13.33 -45.21
CA GLU B 229 32.12 -12.13 -44.47
C GLU B 229 31.95 -10.87 -45.31
N ASP B 230 31.53 -11.06 -46.56
CA ASP B 230 31.32 -9.98 -47.50
C ASP B 230 29.82 -9.64 -47.56
N VAL B 231 29.33 -8.97 -46.52
CA VAL B 231 27.90 -8.70 -46.36
C VAL B 231 27.51 -7.28 -46.78
N ALA B 232 26.54 -7.19 -47.69
CA ALA B 232 25.93 -5.90 -48.06
C ALA B 232 24.57 -5.77 -47.41
N GLU B 233 24.18 -4.54 -47.10
CA GLU B 233 23.01 -4.25 -46.28
C GLU B 233 22.15 -3.17 -46.92
N LEU B 234 20.87 -3.50 -47.14
CA LEU B 234 19.90 -2.57 -47.71
C LEU B 234 18.74 -2.28 -46.79
N SER B 235 18.36 -1.00 -46.71
CA SER B 235 17.19 -0.56 -45.95
C SER B 235 16.02 -0.30 -46.89
N ILE B 236 14.92 -1.01 -46.67
CA ILE B 236 13.74 -0.94 -47.52
C ILE B 236 12.54 -0.40 -46.75
N SER B 237 11.76 0.45 -47.40
CA SER B 237 10.52 0.98 -46.84
C SER B 237 9.57 -0.12 -46.38
N PRO B 238 8.91 0.08 -45.22
CA PRO B 238 7.98 -0.90 -44.66
C PRO B 238 6.78 -1.22 -45.57
N SER B 239 6.46 -0.30 -46.48
CA SER B 239 5.35 -0.51 -47.41
C SER B 239 5.74 -1.29 -48.66
N ASP B 240 7.04 -1.52 -48.86
CA ASP B 240 7.53 -2.31 -49.99
C ASP B 240 7.82 -3.76 -49.57
N ASN B 241 7.45 -4.69 -50.45
CA ASN B 241 7.64 -6.11 -50.19
C ASN B 241 8.74 -6.73 -51.03
N ALA B 242 9.49 -5.89 -51.75
CA ALA B 242 10.46 -6.35 -52.74
C ALA B 242 11.59 -5.36 -52.98
N VAL B 243 12.73 -5.88 -53.42
CA VAL B 243 13.88 -5.05 -53.81
C VAL B 243 14.67 -5.73 -54.93
N VAL B 244 15.15 -4.91 -55.87
CA VAL B 244 16.01 -5.40 -56.95
C VAL B 244 17.48 -5.25 -56.57
N LEU B 245 18.17 -6.37 -56.46
CA LEU B 245 19.59 -6.38 -56.11
C LEU B 245 20.44 -6.33 -57.37
N THR B 246 21.32 -5.33 -57.45
CA THR B 246 22.14 -5.13 -58.63
C THR B 246 23.62 -5.38 -58.31
N ASN B 247 24.48 -5.20 -59.34
CA ASN B 247 25.93 -5.33 -59.21
C ASN B 247 26.42 -6.67 -58.63
N LEU B 248 25.82 -7.76 -59.10
CA LEU B 248 26.17 -9.11 -58.64
C LEU B 248 27.10 -9.85 -59.61
N LEU B 249 27.63 -10.98 -59.14
CA LEU B 249 28.51 -11.82 -59.96
C LEU B 249 27.72 -12.90 -60.68
N PRO B 250 28.07 -13.15 -61.96
CA PRO B 250 27.49 -14.24 -62.76
C PRO B 250 27.86 -15.61 -62.19
N GLY B 251 26.99 -16.59 -62.42
CA GLY B 251 27.19 -17.96 -61.95
C GLY B 251 27.66 -18.08 -60.51
N THR B 252 27.00 -17.36 -59.61
CA THR B 252 27.38 -17.31 -58.20
C THR B 252 26.15 -17.48 -57.31
N GLU B 253 26.30 -18.30 -56.27
CA GLU B 253 25.23 -18.54 -55.31
C GLU B 253 25.30 -17.52 -54.18
N TYR B 254 24.16 -16.91 -53.87
CA TYR B 254 24.08 -15.87 -52.85
C TYR B 254 23.12 -16.25 -51.72
N VAL B 255 23.48 -15.88 -50.49
CA VAL B 255 22.59 -16.00 -49.35
C VAL B 255 21.92 -14.64 -49.12
N VAL B 256 20.60 -14.64 -49.00
CA VAL B 256 19.85 -13.41 -48.78
C VAL B 256 18.97 -13.54 -47.54
N SER B 257 18.98 -12.51 -46.70
CA SER B 257 18.07 -12.45 -45.56
C SER B 257 17.22 -11.17 -45.56
N VAL B 258 15.98 -11.30 -45.09
CA VAL B 258 15.10 -10.16 -44.92
C VAL B 258 14.66 -10.16 -43.46
N SER B 259 14.83 -9.04 -42.78
CA SER B 259 14.42 -8.91 -41.39
C SER B 259 13.48 -7.72 -41.22
N SER B 260 12.38 -7.93 -40.50
CA SER B 260 11.52 -6.83 -40.09
C SER B 260 12.27 -6.01 -39.06
N VAL B 261 12.03 -4.70 -39.04
CA VAL B 261 12.61 -3.82 -38.03
C VAL B 261 11.57 -2.89 -37.42
N TYR B 262 11.44 -2.94 -36.10
CA TYR B 262 10.77 -1.87 -35.35
C TYR B 262 11.68 -1.28 -34.27
N GLU B 263 11.70 0.06 -34.19
CA GLU B 263 12.50 0.79 -33.21
C GLU B 263 13.86 0.14 -32.93
N GLN B 264 14.65 -0.02 -33.99
CA GLN B 264 16.01 -0.60 -33.92
C GLN B 264 16.06 -2.11 -33.66
N HIS B 265 14.95 -2.67 -33.17
CA HIS B 265 14.86 -4.10 -32.86
C HIS B 265 14.40 -4.88 -34.06
N GLU B 266 15.14 -5.91 -34.42
CA GLU B 266 14.80 -6.67 -35.61
C GLU B 266 14.38 -8.10 -35.33
N SER B 267 13.57 -8.64 -36.24
CA SER B 267 13.07 -9.99 -36.19
C SER B 267 14.16 -11.00 -36.50
N THR B 268 13.88 -12.28 -36.24
CA THR B 268 14.69 -13.37 -36.76
C THR B 268 14.73 -13.25 -38.28
N PRO B 269 15.82 -13.69 -38.90
CA PRO B 269 15.87 -13.44 -40.34
C PRO B 269 15.12 -14.48 -41.18
N LEU B 270 14.59 -14.06 -42.31
CA LEU B 270 14.07 -14.97 -43.30
C LEU B 270 15.16 -15.15 -44.36
N ARG B 271 15.61 -16.40 -44.51
CA ARG B 271 16.83 -16.70 -45.25
C ARG B 271 16.61 -17.70 -46.36
N GLY B 272 17.23 -17.44 -47.51
CA GLY B 272 17.20 -18.36 -48.65
C GLY B 272 18.41 -18.19 -49.55
N ARG B 273 18.71 -19.24 -50.33
CA ARG B 273 19.85 -19.25 -51.27
C ARG B 273 19.36 -19.20 -52.72
N GLN B 274 20.07 -18.43 -53.54
CA GLN B 274 19.75 -18.31 -54.98
C GLN B 274 21.01 -18.12 -55.83
N LYS B 275 21.10 -18.90 -56.91
CA LYS B 275 22.26 -18.87 -57.82
C LYS B 275 21.96 -18.03 -59.06
N THR B 276 22.82 -17.05 -59.35
CA THR B 276 22.72 -16.29 -60.59
C THR B 276 23.17 -17.11 -61.80
N SER C 5 -21.55 20.85 19.60
CA SER C 5 -21.17 19.56 20.25
C SER C 5 -20.02 18.86 19.54
N ASP C 6 -19.91 19.11 18.22
CA ASP C 6 -18.90 18.45 17.38
C ASP C 6 -17.48 19.04 17.52
N LEU C 7 -16.74 19.04 16.42
CA LEU C 7 -15.36 19.53 16.38
C LEU C 7 -15.23 20.78 15.52
N ILE C 8 -14.18 21.57 15.78
CA ILE C 8 -13.88 22.73 14.96
C ILE C 8 -13.39 22.26 13.58
N PRO C 9 -14.08 22.70 12.50
CA PRO C 9 -13.73 22.33 11.13
C PRO C 9 -12.29 22.66 10.75
N ALA C 10 -11.72 21.87 9.84
CA ALA C 10 -10.38 22.11 9.35
C ALA C 10 -10.35 23.33 8.44
N PRO C 11 -9.27 24.12 8.53
CA PRO C 11 -9.11 25.28 7.64
C PRO C 11 -8.79 24.83 6.22
N PRO C 12 -9.05 25.69 5.21
CA PRO C 12 -8.56 25.35 3.89
C PRO C 12 -7.03 25.28 3.90
N LEU C 13 -6.47 24.47 3.01
CA LEU C 13 -5.03 24.29 2.92
C LEU C 13 -4.28 25.57 2.51
N SER C 14 -5.01 26.54 1.94
CA SER C 14 -4.44 27.83 1.55
C SER C 14 -3.99 28.68 2.75
N LYS C 15 -4.57 28.41 3.92
CA LYS C 15 -4.20 29.10 5.16
C LYS C 15 -3.06 28.39 5.89
N VAL C 16 -2.59 27.28 5.32
CA VAL C 16 -1.52 26.51 5.94
C VAL C 16 -0.26 26.57 5.06
N PRO C 17 0.69 27.46 5.39
CA PRO C 17 1.90 27.61 4.56
C PRO C 17 2.76 26.35 4.51
N LEU C 18 3.49 26.18 3.42
CA LEU C 18 4.44 25.10 3.24
C LEU C 18 5.85 25.69 3.26
N GLN C 19 6.71 25.13 4.09
CA GLN C 19 8.11 25.59 4.19
C GLN C 19 8.81 25.56 2.83
N GLN C 20 9.15 26.74 2.32
CA GLN C 20 9.81 26.89 1.02
C GLN C 20 11.09 26.07 0.97
N ASN C 21 11.33 25.39 -0.16
CA ASN C 21 12.55 24.61 -0.40
C ASN C 21 12.93 23.70 0.78
N PHE C 22 12.04 22.76 1.10
CA PHE C 22 12.19 21.89 2.28
C PHE C 22 13.39 20.96 2.18
N GLN C 23 14.18 20.90 3.25
CA GLN C 23 15.37 20.04 3.33
C GLN C 23 15.18 18.92 4.35
N ASP C 24 14.81 17.74 3.87
CA ASP C 24 14.51 16.60 4.76
C ASP C 24 15.71 16.09 5.55
N ASN C 25 16.92 16.22 4.99
CA ASN C 25 18.14 15.81 5.68
C ASN C 25 18.63 16.81 6.74
N GLN C 26 17.82 17.83 6.99
CA GLN C 26 18.14 18.83 8.01
C GLN C 26 17.02 18.89 9.04
N PHE C 27 15.82 18.55 8.61
CA PHE C 27 14.66 18.49 9.51
C PHE C 27 14.71 17.25 10.41
N HIS C 28 15.44 16.23 9.99
CA HIS C 28 15.46 14.95 10.69
C HIS C 28 16.03 15.06 12.11
N GLY C 29 15.92 13.97 12.89
CA GLY C 29 16.40 13.93 14.27
C GLY C 29 15.31 14.14 15.31
N LYS C 30 15.72 14.39 16.55
CA LYS C 30 14.78 14.60 17.66
C LYS C 30 14.19 16.01 17.67
N TRP C 31 12.88 16.08 17.87
CA TRP C 31 12.19 17.34 18.15
C TRP C 31 11.33 17.17 19.41
N TYR C 32 11.39 18.13 20.31
CA TYR C 32 10.54 18.13 21.48
C TYR C 32 9.23 18.87 21.22
N VAL C 33 8.12 18.30 21.70
CA VAL C 33 6.83 18.95 21.58
C VAL C 33 6.67 20.04 22.66
N VAL C 34 6.92 21.29 22.26
CA VAL C 34 6.87 22.41 23.19
C VAL C 34 5.47 23.02 23.27
N GLY C 35 4.68 22.85 22.21
CA GLY C 35 3.32 23.38 22.16
C GLY C 35 2.42 22.57 21.23
N LYS C 36 1.23 22.22 21.71
CA LYS C 36 0.30 21.46 20.90
C LYS C 36 -1.09 22.07 20.90
N ALA C 37 -1.71 22.11 19.72
CA ALA C 37 -3.07 22.62 19.59
C ALA C 37 -3.88 21.76 18.62
N GLY C 38 -5.02 21.28 19.08
CA GLY C 38 -5.90 20.45 18.25
C GLY C 38 -7.33 20.94 18.25
N ASN C 39 -8.18 20.29 17.46
CA ASN C 39 -9.60 20.65 17.39
C ASN C 39 -10.49 19.81 18.29
N HIS C 40 -9.90 18.87 19.02
CA HIS C 40 -10.67 18.08 20.00
C HIS C 40 -10.66 18.79 21.36
N ASP C 41 -11.72 18.59 22.13
CA ASP C 41 -11.86 19.20 23.45
C ASP C 41 -11.04 18.48 24.51
N LEU C 42 -9.96 19.13 24.95
CA LEU C 42 -9.11 18.60 26.02
C LEU C 42 -9.87 18.69 27.33
N ARG C 43 -9.47 17.86 28.29
CA ARG C 43 -10.02 17.94 29.64
C ARG C 43 -9.01 18.49 30.63
N GLU C 44 -9.51 19.25 31.61
CA GLU C 44 -8.69 19.75 32.71
C GLU C 44 -8.56 18.66 33.77
N ASP C 45 -7.46 17.91 33.69
CA ASP C 45 -7.22 16.74 34.54
C ASP C 45 -7.06 17.08 36.02
N LYS C 46 -6.49 18.28 36.28
CA LYS C 46 -5.85 18.67 37.56
C LYS C 46 -4.34 18.61 37.34
N ASP C 47 -3.89 17.52 36.72
CA ASP C 47 -2.50 17.35 36.32
C ASP C 47 -2.24 18.06 34.99
N PRO C 48 -1.04 18.61 34.82
CA PRO C 48 -0.63 19.12 33.52
C PRO C 48 -0.02 18.02 32.65
N ARG C 49 0.13 18.29 31.35
CA ARG C 49 0.67 17.32 30.41
C ARG C 49 2.19 17.31 30.42
N LYS C 50 2.77 16.11 30.48
CA LYS C 50 4.22 15.94 30.39
C LYS C 50 4.68 16.08 28.96
N MET C 51 5.87 16.63 28.78
CA MET C 51 6.44 16.87 27.44
C MET C 51 6.81 15.57 26.74
N GLN C 52 6.53 15.53 25.45
CA GLN C 52 6.88 14.40 24.59
C GLN C 52 7.99 14.78 23.61
N ALA C 53 8.59 13.76 23.00
CA ALA C 53 9.61 13.97 21.98
C ALA C 53 9.29 13.15 20.74
N THR C 54 9.42 13.76 19.56
CA THR C 54 9.22 13.04 18.29
C THR C 54 10.52 13.00 17.48
N ILE C 55 10.93 11.78 17.14
CA ILE C 55 12.14 11.55 16.36
C ILE C 55 11.77 11.30 14.90
N TYR C 56 12.33 12.11 14.00
CA TYR C 56 12.13 11.96 12.55
C TYR C 56 13.35 11.31 11.89
N GLU C 57 13.25 10.02 11.59
CA GLU C 57 14.36 9.29 11.02
C GLU C 57 14.22 9.20 9.50
N LEU C 58 15.15 9.85 8.78
CA LEU C 58 15.16 9.82 7.33
C LEU C 58 15.72 8.49 6.80
N LYS C 59 14.84 7.70 6.21
CA LYS C 59 15.23 6.45 5.57
C LYS C 59 15.82 6.71 4.18
N GLU C 60 16.47 5.67 3.64
CA GLU C 60 17.09 5.69 2.32
C GLU C 60 16.12 6.03 1.16
N ASP C 61 14.85 5.64 1.31
CA ASP C 61 13.84 5.87 0.28
C ASP C 61 13.09 7.20 0.48
N LYS C 62 13.74 8.11 1.20
CA LYS C 62 13.26 9.49 1.41
C LYS C 62 12.00 9.63 2.25
N SER C 63 11.49 8.51 2.76
CA SER C 63 10.40 8.51 3.72
C SER C 63 10.95 8.59 5.14
N TYR C 64 10.08 8.91 6.09
CA TYR C 64 10.47 9.05 7.48
C TYR C 64 10.00 7.90 8.37
N ASN C 65 10.88 7.46 9.25
CA ASN C 65 10.49 6.63 10.37
C ASN C 65 10.26 7.59 11.55
N VAL C 66 9.01 7.74 11.96
CA VAL C 66 8.64 8.71 12.99
C VAL C 66 8.37 8.01 14.31
N THR C 67 9.17 8.34 15.33
CA THR C 67 8.95 7.76 16.66
C THR C 67 8.51 8.83 17.67
N ASN C 68 7.31 8.64 18.21
CA ASN C 68 6.84 9.44 19.31
C ASN C 68 7.24 8.77 20.62
N VAL C 69 7.84 9.54 21.52
CA VAL C 69 8.36 9.03 22.79
C VAL C 69 7.71 9.79 23.94
N ARG C 70 7.16 9.04 24.90
CA ARG C 70 6.50 9.67 26.05
C ARG C 70 6.64 8.87 27.34
N PHE C 71 6.49 9.58 28.46
CA PHE C 71 6.52 8.95 29.76
C PHE C 71 5.09 8.84 30.24
N VAL C 72 4.55 7.62 30.16
CA VAL C 72 3.13 7.41 30.41
C VAL C 72 2.91 6.12 31.21
N HIS C 73 2.15 6.24 32.29
CA HIS C 73 1.88 5.15 33.23
C HIS C 73 3.17 4.53 33.78
N LYS C 74 4.11 5.40 34.13
CA LYS C 74 5.39 5.06 34.78
C LYS C 74 6.39 4.34 33.89
N LYS C 75 6.04 4.21 32.61
CA LYS C 75 6.85 3.51 31.62
C LYS C 75 7.15 4.43 30.45
N CYS C 76 8.24 4.14 29.75
CA CYS C 76 8.50 4.77 28.47
C CYS C 76 7.63 4.08 27.43
N ASN C 77 6.99 4.88 26.61
CA ASN C 77 6.06 4.42 25.59
C ASN C 77 6.49 4.93 24.21
N TYR C 78 6.79 4.00 23.31
CA TYR C 78 7.27 4.32 21.95
C TYR C 78 6.24 3.93 20.89
N ARG C 79 5.92 4.86 20.00
CA ARG C 79 4.98 4.61 18.90
C ARG C 79 5.60 5.05 17.58
N ILE C 80 5.56 4.15 16.59
CA ILE C 80 6.31 4.30 15.35
C ILE C 80 5.36 4.32 14.16
N TRP C 81 5.45 5.37 13.36
CA TRP C 81 4.69 5.47 12.10
C TRP C 81 5.67 5.66 10.96
N THR C 82 5.28 5.25 9.75
CA THR C 82 6.04 5.55 8.54
C THR C 82 5.34 6.66 7.73
N PHE C 83 6.06 7.75 7.49
CA PHE C 83 5.53 8.84 6.67
C PHE C 83 6.21 8.81 5.31
N VAL C 84 5.44 8.64 4.25
CA VAL C 84 6.01 8.70 2.91
C VAL C 84 5.84 10.11 2.33
N PRO C 85 6.78 10.54 1.47
CA PRO C 85 6.70 11.89 0.92
C PRO C 85 5.42 12.11 0.16
N GLY C 86 4.74 13.22 0.46
CA GLY C 86 3.54 13.60 -0.27
C GLY C 86 3.85 14.34 -1.55
N SER C 87 2.80 14.92 -2.13
CA SER C 87 2.87 15.56 -3.43
C SER C 87 4.04 16.54 -3.62
N GLN C 88 4.27 17.42 -2.65
CA GLN C 88 5.38 18.38 -2.73
C GLN C 88 6.26 18.28 -1.48
N PRO C 89 7.54 18.68 -1.57
CA PRO C 89 8.49 18.60 -0.45
C PRO C 89 7.97 19.17 0.86
N GLY C 90 8.17 18.45 1.97
CA GLY C 90 7.74 18.93 3.28
C GLY C 90 6.33 18.52 3.63
N GLU C 91 5.64 17.89 2.68
CA GLU C 91 4.36 17.24 2.92
C GLU C 91 4.56 15.73 3.07
N PHE C 92 3.83 15.14 4.01
CA PHE C 92 3.91 13.69 4.21
C PHE C 92 2.54 13.07 4.33
N THR C 93 2.43 11.82 3.91
CA THR C 93 1.22 11.04 4.13
C THR C 93 1.59 9.73 4.79
N LEU C 94 0.60 9.01 5.31
CA LEU C 94 0.86 7.76 5.97
C LEU C 94 1.03 6.70 4.91
N GLY C 95 2.15 5.97 4.96
CA GLY C 95 2.37 4.85 4.04
C GLY C 95 1.38 3.75 4.35
N ASN C 96 0.76 3.20 3.30
CA ASN C 96 -0.24 2.14 3.48
C ASN C 96 -1.47 2.60 4.30
N ILE C 97 -2.04 3.73 3.90
CA ILE C 97 -3.24 4.26 4.54
C ILE C 97 -4.41 3.31 4.32
N LYS C 98 -4.38 2.57 3.22
CA LYS C 98 -5.45 1.63 2.87
C LYS C 98 -5.60 0.47 3.86
N SER C 99 -4.60 0.33 4.73
CA SER C 99 -4.57 -0.73 5.75
C SER C 99 -5.56 -0.46 6.86
N TRP C 100 -5.83 0.82 7.10
CA TRP C 100 -6.59 1.24 8.26
C TRP C 100 -8.04 1.57 7.91
N PRO C 101 -8.97 0.71 8.36
CA PRO C 101 -10.40 0.91 8.14
C PRO C 101 -10.90 2.22 8.75
N GLY C 102 -11.52 3.05 7.92
CA GLY C 102 -12.07 4.33 8.36
C GLY C 102 -11.09 5.49 8.31
N LEU C 103 -9.85 5.23 7.89
CA LEU C 103 -8.84 6.26 7.76
C LEU C 103 -8.62 6.60 6.30
N THR C 104 -9.33 7.62 5.83
CA THR C 104 -9.41 7.93 4.40
C THR C 104 -8.44 9.01 3.95
N SER C 105 -8.01 9.85 4.90
CA SER C 105 -7.13 10.96 4.60
C SER C 105 -6.15 11.18 5.76
N TRP C 106 -4.95 11.62 5.44
CA TRP C 106 -3.91 11.86 6.43
C TRP C 106 -2.84 12.71 5.77
N LEU C 107 -2.66 13.92 6.32
CA LEU C 107 -1.66 14.86 5.81
C LEU C 107 -0.83 15.46 6.95
N VAL C 108 0.48 15.50 6.73
CA VAL C 108 1.43 16.16 7.63
C VAL C 108 2.15 17.22 6.81
N ARG C 109 2.08 18.47 7.25
CA ARG C 109 2.70 19.59 6.53
C ARG C 109 3.60 20.44 7.44
N VAL C 110 4.89 20.52 7.11
CA VAL C 110 5.80 21.39 7.84
C VAL C 110 5.51 22.83 7.41
N VAL C 111 5.03 23.64 8.35
CA VAL C 111 4.58 24.99 8.04
C VAL C 111 5.77 25.91 7.88
N SER C 112 6.67 25.82 8.86
CA SER C 112 7.76 26.75 9.00
C SER C 112 8.83 26.10 9.86
N THR C 113 10.09 26.21 9.44
CA THR C 113 11.20 25.77 10.29
C THR C 113 12.50 26.52 9.97
N ASN C 114 13.38 26.61 10.95
CA ASN C 114 14.77 27.03 10.74
C ASN C 114 15.73 25.86 11.02
N TYR C 115 15.14 24.69 11.18
CA TYR C 115 15.86 23.40 11.23
C TYR C 115 16.66 23.11 12.50
N ASN C 116 17.39 24.12 13.00
CA ASN C 116 18.24 23.91 14.18
C ASN C 116 17.69 24.45 15.51
N GLN C 117 16.49 25.05 15.47
CA GLN C 117 15.86 25.57 16.68
C GLN C 117 14.40 25.15 16.82
N HIS C 118 13.58 25.49 15.84
CA HIS C 118 12.14 25.32 15.98
C HIS C 118 11.42 24.97 14.69
N ALA C 119 10.20 24.43 14.85
CA ALA C 119 9.34 24.08 13.74
C ALA C 119 7.86 24.21 14.11
N MET C 120 7.02 24.41 13.09
CA MET C 120 5.58 24.28 13.25
C MET C 120 5.05 23.31 12.21
N VAL C 121 4.37 22.26 12.67
CA VAL C 121 3.87 21.21 11.81
C VAL C 121 2.36 21.06 11.96
N PHE C 122 1.68 21.01 10.82
CA PHE C 122 0.23 20.81 10.73
C PHE C 122 -0.08 19.32 10.51
N PHE C 123 -0.97 18.76 11.32
CA PHE C 123 -1.39 17.35 11.18
C PHE C 123 -2.87 17.32 10.88
N LYS C 124 -3.25 16.61 9.82
CA LYS C 124 -4.66 16.50 9.43
C LYS C 124 -4.98 15.07 9.06
N ARG C 125 -6.07 14.54 9.60
CA ARG C 125 -6.56 13.21 9.20
C ARG C 125 -8.08 13.13 9.26
N VAL C 126 -8.64 12.26 8.42
CA VAL C 126 -10.07 12.01 8.39
C VAL C 126 -10.32 10.55 8.79
N TYR C 127 -10.89 10.39 9.98
CA TYR C 127 -11.23 9.07 10.51
C TYR C 127 -12.73 9.03 10.74
N GLN C 128 -13.38 8.10 10.03
CA GLN C 128 -14.83 7.88 10.11
C GLN C 128 -15.66 9.15 9.89
N ASN C 129 -15.37 9.84 8.79
CA ASN C 129 -16.01 11.12 8.41
C ASN C 129 -15.85 12.25 9.44
N ARG C 130 -14.89 12.07 10.35
CA ARG C 130 -14.56 13.10 11.31
C ARG C 130 -13.20 13.68 10.96
N GLU C 131 -13.17 15.00 10.79
CA GLU C 131 -11.95 15.70 10.40
C GLU C 131 -11.19 16.10 11.66
N LEU C 132 -9.97 15.59 11.80
CA LEU C 132 -9.12 15.89 12.95
C LEU C 132 -7.83 16.60 12.53
N PHE C 133 -7.45 17.65 13.27
CA PHE C 133 -6.20 18.36 12.99
C PHE C 133 -5.51 18.95 14.21
N GLU C 134 -4.18 18.85 14.23
CA GLU C 134 -3.36 19.45 15.27
C GLU C 134 -2.27 20.33 14.69
N ILE C 135 -1.79 21.29 15.49
CA ILE C 135 -0.62 22.10 15.19
C ILE C 135 0.38 21.93 16.32
N THR C 136 1.61 21.60 15.95
CA THR C 136 2.67 21.38 16.93
C THR C 136 3.79 22.40 16.78
N LEU C 137 4.16 23.01 17.91
CA LEU C 137 5.36 23.81 18.00
C LEU C 137 6.49 22.90 18.49
N TYR C 138 7.33 22.46 17.55
CA TYR C 138 8.47 21.61 17.86
C TYR C 138 9.67 22.46 18.24
N GLY C 139 10.47 21.95 19.17
CA GLY C 139 11.76 22.56 19.50
C GLY C 139 12.87 21.53 19.53
N ARG C 140 14.08 21.93 19.12
CA ARG C 140 15.28 21.09 19.28
C ARG C 140 15.68 20.98 20.75
N THR C 141 15.29 21.99 21.52
CA THR C 141 15.43 21.95 22.98
C THR C 141 14.03 22.02 23.58
N LYS C 142 13.93 21.67 24.85
CA LYS C 142 12.67 21.66 25.58
C LYS C 142 12.14 23.09 25.80
N GLU C 143 13.04 24.05 25.69
CA GLU C 143 12.77 25.46 25.89
C GLU C 143 12.63 26.17 24.54
N LEU C 144 11.65 27.07 24.46
CA LEU C 144 11.53 27.99 23.33
C LEU C 144 11.18 29.39 23.81
N THR C 145 11.45 30.38 22.98
CA THR C 145 11.23 31.79 23.32
C THR C 145 9.76 32.11 23.58
N ASN C 146 9.54 33.03 24.51
CA ASN C 146 8.20 33.56 24.79
C ASN C 146 7.53 34.08 23.51
N GLU C 147 8.33 34.72 22.65
CA GLU C 147 7.89 35.28 21.37
C GLU C 147 7.42 34.22 20.36
N LEU C 148 8.08 33.06 20.35
CA LEU C 148 7.69 31.95 19.48
C LEU C 148 6.40 31.29 19.98
N LYS C 149 6.27 31.20 21.30
CA LYS C 149 5.04 30.69 21.91
C LYS C 149 3.86 31.56 21.48
N GLU C 150 4.03 32.88 21.53
CA GLU C 150 2.99 33.83 21.17
C GLU C 150 2.61 33.78 19.69
N ASN C 151 3.63 33.57 18.84
CA ASN C 151 3.44 33.41 17.39
C ASN C 151 2.62 32.15 17.10
N PHE C 152 2.96 31.07 17.80
CA PHE C 152 2.24 29.82 17.73
C PHE C 152 0.77 30.00 18.10
N ILE C 153 0.51 30.76 19.17
CA ILE C 153 -0.85 31.05 19.60
C ILE C 153 -1.57 31.80 18.48
N ARG C 154 -0.92 32.83 17.97
CA ARG C 154 -1.43 33.65 16.86
C ARG C 154 -1.76 32.81 15.63
N PHE C 155 -0.84 31.93 15.25
CA PHE C 155 -1.06 31.05 14.11
C PHE C 155 -2.20 30.05 14.33
N SER C 156 -2.26 29.44 15.53
CA SER C 156 -3.33 28.49 15.86
C SER C 156 -4.73 29.13 15.75
N LYS C 157 -4.86 30.35 16.23
CA LYS C 157 -6.12 31.08 16.14
C LYS C 157 -6.50 31.40 14.68
N SER C 158 -5.50 31.62 13.83
CA SER C 158 -5.75 31.91 12.42
C SER C 158 -6.36 30.71 11.70
N LEU C 159 -6.04 29.51 12.20
CA LEU C 159 -6.59 28.26 11.69
C LEU C 159 -7.92 27.90 12.36
N GLY C 160 -8.32 28.72 13.33
CA GLY C 160 -9.63 28.64 13.96
C GLY C 160 -9.64 28.04 15.35
N LEU C 161 -8.45 27.88 15.94
CA LEU C 161 -8.32 27.20 17.24
C LEU C 161 -8.13 28.19 18.38
N PRO C 162 -9.09 28.24 19.32
CA PRO C 162 -9.02 29.20 20.43
C PRO C 162 -8.00 28.80 21.51
N GLU C 163 -7.63 29.78 22.34
CA GLU C 163 -6.52 29.66 23.29
C GLU C 163 -6.66 28.48 24.26
N ASN C 164 -7.90 28.09 24.57
CA ASN C 164 -8.15 26.97 25.49
C ASN C 164 -7.93 25.57 24.88
N HIS C 165 -7.56 25.54 23.60
CA HIS C 165 -7.22 24.30 22.89
C HIS C 165 -5.71 24.15 22.69
N ILE C 166 -4.95 25.10 23.24
CA ILE C 166 -3.50 25.15 23.09
C ILE C 166 -2.81 24.86 24.42
N VAL C 167 -2.01 23.80 24.42
CA VAL C 167 -1.28 23.38 25.61
C VAL C 167 0.22 23.54 25.41
N PHE C 168 0.89 24.04 26.44
CA PHE C 168 2.34 24.07 26.50
C PHE C 168 2.80 23.08 27.57
N PRO C 169 3.21 21.86 27.14
CA PRO C 169 3.50 20.79 28.09
C PRO C 169 4.73 21.07 28.91
N VAL C 170 4.81 20.48 30.09
CA VAL C 170 5.87 20.74 31.05
C VAL C 170 7.05 19.84 30.73
N PRO C 171 8.27 20.43 30.62
CA PRO C 171 9.46 19.63 30.40
C PRO C 171 9.67 18.60 31.50
N ILE C 172 10.09 17.41 31.10
CA ILE C 172 10.45 16.32 32.01
C ILE C 172 11.78 15.73 31.58
N ASP C 173 12.33 14.83 32.39
CA ASP C 173 13.62 14.23 32.09
C ASP C 173 13.51 12.76 31.68
N GLN C 174 12.42 12.11 32.05
CA GLN C 174 12.23 10.68 31.78
C GLN C 174 11.99 10.42 30.29
N CYS C 175 12.65 9.38 29.77
CA CYS C 175 12.43 8.81 28.42
C CYS C 175 12.73 9.71 27.23
N ILE C 176 12.26 10.97 27.28
CA ILE C 176 12.35 11.88 26.13
C ILE C 176 13.76 12.38 25.82
N ASP C 177 14.75 11.91 26.59
CA ASP C 177 16.14 12.25 26.32
C ASP C 177 16.94 11.06 25.77
N GLY C 178 16.23 10.04 25.30
CA GLY C 178 16.87 8.84 24.75
C GLY C 178 16.40 7.55 25.42
N LEU D 3 -33.63 -11.70 -34.90
CA LEU D 3 -33.38 -12.18 -33.51
C LEU D 3 -33.02 -11.01 -32.60
N SER D 4 -33.03 -11.25 -31.28
CA SER D 4 -32.76 -10.21 -30.28
C SER D 4 -32.45 -10.73 -28.87
N PRO D 5 -31.44 -10.14 -28.21
CA PRO D 5 -30.99 -10.49 -26.86
C PRO D 5 -32.03 -10.18 -25.78
N PRO D 6 -31.84 -10.73 -24.55
CA PRO D 6 -32.66 -10.32 -23.41
C PRO D 6 -32.33 -8.91 -22.93
N THR D 7 -33.07 -8.43 -21.93
CA THR D 7 -32.90 -7.06 -21.44
C THR D 7 -32.70 -7.00 -19.93
N ASN D 8 -32.21 -5.85 -19.46
CA ASN D 8 -31.91 -5.58 -18.04
C ASN D 8 -31.38 -6.78 -17.25
N LEU D 9 -30.15 -7.17 -17.60
CA LEU D 9 -29.44 -8.20 -16.87
C LEU D 9 -29.02 -7.66 -15.51
N HIS D 10 -29.39 -8.39 -14.46
CA HIS D 10 -28.87 -8.10 -13.11
C HIS D 10 -28.08 -9.27 -12.58
N LEU D 11 -26.96 -8.95 -11.94
CA LEU D 11 -26.10 -9.94 -11.32
C LEU D 11 -26.04 -9.72 -9.80
N GLU D 12 -26.34 -10.77 -9.05
CA GLU D 12 -26.45 -10.69 -7.60
C GLU D 12 -25.58 -11.76 -6.93
N ALA D 13 -24.45 -11.32 -6.36
CA ALA D 13 -23.54 -12.24 -5.68
C ALA D 13 -23.63 -12.07 -4.18
N ASN D 14 -24.21 -13.06 -3.51
CA ASN D 14 -24.32 -13.05 -2.05
C ASN D 14 -23.04 -13.62 -1.41
N PRO D 15 -22.29 -12.78 -0.67
CA PRO D 15 -21.03 -13.25 -0.09
C PRO D 15 -21.18 -14.21 1.09
N ASP D 16 -22.24 -14.05 1.88
CA ASP D 16 -22.47 -14.94 3.02
C ASP D 16 -22.82 -16.35 2.57
N THR D 17 -23.62 -16.47 1.51
CA THR D 17 -23.99 -17.79 0.98
C THR D 17 -22.96 -18.28 -0.02
N GLY D 18 -22.28 -17.33 -0.67
CA GLY D 18 -21.32 -17.64 -1.74
C GLY D 18 -21.94 -17.98 -3.10
N VAL D 19 -23.17 -17.52 -3.33
CA VAL D 19 -23.93 -17.87 -4.55
C VAL D 19 -24.12 -16.65 -5.48
N LEU D 20 -23.89 -16.85 -6.77
CA LEU D 20 -24.19 -15.81 -7.76
C LEU D 20 -25.54 -16.06 -8.43
N THR D 21 -26.52 -15.20 -8.11
CA THR D 21 -27.83 -15.24 -8.73
C THR D 21 -27.89 -14.31 -9.93
N VAL D 22 -28.12 -14.90 -11.11
CA VAL D 22 -28.25 -14.17 -12.37
C VAL D 22 -29.73 -14.05 -12.72
N SER D 23 -30.17 -12.85 -13.08
CA SER D 23 -31.56 -12.67 -13.52
C SER D 23 -31.67 -11.80 -14.77
N TRP D 24 -32.71 -12.07 -15.56
CA TRP D 24 -32.93 -11.37 -16.83
C TRP D 24 -34.43 -11.22 -17.13
N GLU D 25 -34.76 -10.46 -18.16
CA GLU D 25 -36.12 -10.43 -18.67
C GLU D 25 -36.18 -11.18 -19.99
N ARG D 26 -37.16 -12.06 -20.11
CA ARG D 26 -37.33 -12.93 -21.29
C ARG D 26 -37.38 -12.13 -22.59
N SER D 27 -36.70 -12.64 -23.62
CA SER D 27 -36.60 -11.95 -24.92
C SER D 27 -37.96 -11.77 -25.60
N THR D 28 -38.17 -10.57 -26.15
CA THR D 28 -39.46 -10.20 -26.75
C THR D 28 -39.77 -10.96 -28.06
N THR D 29 -38.83 -11.80 -28.48
CA THR D 29 -39.05 -12.71 -29.61
C THR D 29 -39.91 -13.91 -29.19
N PRO D 30 -40.50 -14.63 -30.16
CA PRO D 30 -41.47 -15.73 -29.94
C PRO D 30 -40.95 -16.95 -29.16
N ASP D 31 -41.30 -18.14 -29.65
CA ASP D 31 -41.10 -19.40 -28.93
C ASP D 31 -39.63 -19.77 -28.71
N ILE D 32 -39.33 -20.19 -27.48
CA ILE D 32 -37.97 -20.54 -27.05
C ILE D 32 -37.98 -21.95 -26.42
N THR D 33 -36.83 -22.63 -26.47
CA THR D 33 -36.63 -23.96 -25.86
C THR D 33 -36.11 -23.85 -24.42
N GLY D 34 -35.28 -22.85 -24.16
CA GLY D 34 -34.77 -22.60 -22.81
C GLY D 34 -33.73 -21.50 -22.77
N TYR D 35 -32.83 -21.59 -21.80
CA TYR D 35 -31.80 -20.58 -21.62
C TYR D 35 -30.45 -21.19 -21.22
N ARG D 36 -29.40 -20.83 -21.96
CA ARG D 36 -28.04 -21.24 -21.65
C ARG D 36 -27.31 -20.05 -21.02
N ILE D 37 -26.71 -20.28 -19.86
CA ILE D 37 -26.03 -19.22 -19.12
C ILE D 37 -24.61 -19.67 -18.83
N THR D 38 -23.64 -18.81 -19.14
CA THR D 38 -22.24 -19.09 -18.89
C THR D 38 -21.62 -18.06 -17.95
N THR D 39 -20.76 -18.53 -17.05
CA THR D 39 -19.92 -17.63 -16.24
C THR D 39 -18.46 -17.97 -16.49
N THR D 40 -17.71 -17.00 -17.02
CA THR D 40 -16.32 -17.21 -17.39
C THR D 40 -15.44 -16.08 -16.84
N PRO D 41 -14.32 -16.44 -16.17
CA PRO D 41 -13.39 -15.44 -15.62
C PRO D 41 -12.78 -14.57 -16.71
N THR D 42 -12.66 -13.27 -16.42
CA THR D 42 -12.17 -12.30 -17.40
C THR D 42 -10.67 -12.38 -17.64
N ASN D 43 -9.90 -12.78 -16.63
CA ASN D 43 -8.47 -12.92 -16.79
C ASN D 43 -8.09 -14.25 -17.47
N GLY D 44 -6.91 -14.29 -18.08
CA GLY D 44 -6.48 -15.45 -18.87
C GLY D 44 -6.22 -16.70 -18.04
N GLN D 45 -5.27 -16.60 -17.11
CA GLN D 45 -4.81 -17.75 -16.32
C GLN D 45 -5.75 -18.05 -15.16
N GLN D 46 -7.01 -18.32 -15.49
CA GLN D 46 -8.06 -18.55 -14.48
C GLN D 46 -8.97 -19.73 -14.86
N GLY D 47 -8.61 -20.41 -15.97
CA GLY D 47 -9.34 -21.58 -16.50
C GLY D 47 -10.85 -21.69 -16.31
N ASN D 48 -11.25 -21.97 -15.07
CA ASN D 48 -12.58 -22.50 -14.73
C ASN D 48 -13.84 -21.72 -15.15
N SER D 49 -14.50 -22.19 -16.21
CA SER D 49 -15.79 -21.65 -16.68
C SER D 49 -16.95 -22.57 -16.28
N LEU D 50 -18.15 -22.00 -16.17
CA LEU D 50 -19.32 -22.79 -15.80
C LEU D 50 -20.51 -22.58 -16.74
N GLU D 51 -21.24 -23.67 -17.01
CA GLU D 51 -22.44 -23.60 -17.84
C GLU D 51 -23.69 -24.07 -17.11
N GLU D 52 -24.77 -23.32 -17.30
CA GLU D 52 -26.08 -23.64 -16.73
C GLU D 52 -27.16 -23.65 -17.81
N VAL D 53 -28.07 -24.62 -17.72
CA VAL D 53 -29.15 -24.77 -18.68
C VAL D 53 -30.49 -24.86 -17.95
N VAL D 54 -31.42 -23.96 -18.28
CA VAL D 54 -32.74 -23.89 -17.66
C VAL D 54 -33.85 -23.75 -18.70
N HIS D 55 -35.09 -24.00 -18.29
CA HIS D 55 -36.24 -24.07 -19.21
C HIS D 55 -36.80 -22.70 -19.65
N ALA D 56 -37.62 -22.71 -20.70
CA ALA D 56 -38.12 -21.49 -21.36
C ALA D 56 -38.94 -20.52 -20.48
N ASP D 57 -39.55 -21.05 -19.43
CA ASP D 57 -40.35 -20.23 -18.50
C ASP D 57 -39.53 -19.71 -17.32
N GLN D 58 -38.20 -19.80 -17.44
CA GLN D 58 -37.30 -19.43 -16.34
C GLN D 58 -36.42 -18.22 -16.69
N SER D 59 -36.30 -17.28 -15.76
CA SER D 59 -35.55 -16.05 -16.01
C SER D 59 -34.48 -15.76 -14.94
N SER D 60 -34.03 -16.81 -14.27
CA SER D 60 -32.93 -16.73 -13.31
C SER D 60 -32.26 -18.10 -13.13
N CYS D 61 -31.00 -18.08 -12.71
CA CYS D 61 -30.27 -19.28 -12.31
C CYS D 61 -29.19 -18.92 -11.29
N THR D 62 -28.57 -19.96 -10.70
CA THR D 62 -27.48 -19.77 -9.75
C THR D 62 -26.24 -20.52 -10.14
N PHE D 63 -25.09 -19.95 -9.78
CA PHE D 63 -23.79 -20.60 -9.89
C PHE D 63 -23.17 -20.63 -8.50
N ASP D 64 -22.80 -21.82 -8.05
CA ASP D 64 -22.13 -22.03 -6.76
C ASP D 64 -20.61 -21.93 -6.92
N ASN D 65 -19.92 -21.83 -5.79
CA ASN D 65 -18.46 -22.08 -5.72
C ASN D 65 -17.53 -21.19 -6.55
N LEU D 66 -18.03 -20.06 -7.04
CA LEU D 66 -17.17 -19.06 -7.69
C LEU D 66 -16.15 -18.52 -6.70
N SER D 67 -14.91 -18.33 -7.14
CA SER D 67 -13.86 -17.76 -6.30
C SER D 67 -14.12 -16.28 -6.03
N PRO D 68 -14.20 -15.90 -4.75
CA PRO D 68 -14.43 -14.51 -4.37
C PRO D 68 -13.29 -13.61 -4.76
N GLY D 69 -13.60 -12.41 -5.24
CA GLY D 69 -12.60 -11.38 -5.48
C GLY D 69 -12.01 -11.41 -6.87
N LEU D 70 -12.51 -12.33 -7.70
CA LEU D 70 -12.09 -12.43 -9.10
C LEU D 70 -13.23 -12.01 -10.02
N GLU D 71 -12.89 -11.36 -11.12
CA GLU D 71 -13.90 -10.84 -12.06
C GLU D 71 -14.40 -11.94 -12.99
N TYR D 72 -15.73 -12.05 -13.09
CA TYR D 72 -16.37 -12.98 -14.02
C TYR D 72 -17.24 -12.23 -15.01
N ASN D 73 -17.25 -12.68 -16.26
CA ASN D 73 -18.17 -12.21 -17.28
C ASN D 73 -19.32 -13.19 -17.42
N VAL D 74 -20.55 -12.69 -17.28
CA VAL D 74 -21.73 -13.53 -17.33
C VAL D 74 -22.49 -13.25 -18.61
N SER D 75 -22.86 -14.32 -19.30
CA SER D 75 -23.62 -14.21 -20.55
C SER D 75 -24.89 -15.04 -20.49
N VAL D 76 -25.95 -14.56 -21.13
CA VAL D 76 -27.19 -15.30 -21.21
C VAL D 76 -27.71 -15.41 -22.65
N TYR D 77 -27.92 -16.64 -23.09
CA TYR D 77 -28.35 -16.95 -24.44
C TYR D 77 -29.75 -17.52 -24.44
N THR D 78 -30.60 -16.98 -25.31
CA THR D 78 -31.92 -17.55 -25.56
C THR D 78 -31.71 -18.72 -26.51
N VAL D 79 -32.03 -19.93 -26.06
CA VAL D 79 -31.83 -21.14 -26.87
C VAL D 79 -33.04 -21.37 -27.77
N LYS D 80 -32.88 -20.99 -29.03
CA LYS D 80 -33.93 -21.17 -30.03
C LYS D 80 -33.75 -22.51 -30.73
N ASP D 81 -34.28 -23.56 -30.11
CA ASP D 81 -34.28 -24.93 -30.65
C ASP D 81 -32.87 -25.45 -30.98
N ASP D 82 -32.42 -25.18 -32.20
CA ASP D 82 -31.14 -25.66 -32.71
C ASP D 82 -30.08 -24.56 -32.69
N LYS D 83 -30.54 -23.31 -32.70
CA LYS D 83 -29.66 -22.16 -32.82
C LYS D 83 -29.73 -21.32 -31.54
N GLU D 84 -29.05 -20.17 -31.55
CA GLU D 84 -29.04 -19.26 -30.40
C GLU D 84 -29.12 -17.79 -30.84
N SER D 85 -28.78 -16.87 -29.94
CA SER D 85 -28.88 -15.44 -30.21
C SER D 85 -27.59 -14.66 -29.88
N VAL D 86 -27.64 -13.35 -30.05
CA VAL D 86 -26.55 -12.45 -29.66
C VAL D 86 -26.72 -12.14 -28.17
N PRO D 87 -25.71 -12.49 -27.34
CA PRO D 87 -25.90 -12.45 -25.89
C PRO D 87 -25.88 -11.05 -25.28
N ILE D 88 -26.42 -10.93 -24.07
CA ILE D 88 -26.22 -9.74 -23.23
C ILE D 88 -25.27 -10.13 -22.10
N SER D 89 -24.35 -9.21 -21.79
CA SER D 89 -23.28 -9.50 -20.84
C SER D 89 -22.97 -8.35 -19.89
N ASP D 90 -22.46 -8.70 -18.72
CA ASP D 90 -21.95 -7.73 -17.75
C ASP D 90 -20.95 -8.44 -16.84
N THR D 91 -20.07 -7.66 -16.22
CA THR D 91 -19.02 -8.22 -15.39
C THR D 91 -19.29 -7.98 -13.90
N ILE D 92 -18.85 -8.92 -13.06
CA ILE D 92 -19.05 -8.84 -11.61
C ILE D 92 -17.89 -9.44 -10.82
N ILE D 93 -17.57 -8.80 -9.70
CA ILE D 93 -16.54 -9.29 -8.81
C ILE D 93 -17.22 -9.62 -7.48
N PRO D 94 -17.57 -10.90 -7.28
CA PRO D 94 -18.12 -11.35 -5.99
C PRO D 94 -17.22 -10.91 -4.85
N GLU D 95 -17.81 -10.51 -3.73
CA GLU D 95 -17.01 -10.04 -2.60
C GLU D 95 -16.38 -11.19 -1.82
N VAL D 96 -15.24 -10.91 -1.19
CA VAL D 96 -14.64 -11.83 -0.24
C VAL D 96 -15.52 -11.79 1.01
N PRO D 97 -15.95 -12.96 1.50
CA PRO D 97 -16.89 -12.99 2.64
C PRO D 97 -16.25 -12.46 3.92
N GLN D 98 -17.04 -11.79 4.77
CA GLN D 98 -16.53 -11.32 6.06
C GLN D 98 -16.84 -12.33 7.14
N LEU D 99 -16.09 -12.25 8.25
CA LEU D 99 -16.45 -13.00 9.45
C LEU D 99 -17.77 -12.50 9.98
N THR D 100 -18.65 -13.43 10.37
CA THR D 100 -19.97 -13.06 10.87
C THR D 100 -20.16 -13.35 12.36
N ASP D 101 -19.12 -13.80 13.05
CA ASP D 101 -19.19 -14.05 14.49
C ASP D 101 -17.93 -13.65 15.25
N LEU D 102 -17.32 -12.53 14.85
CA LEU D 102 -16.27 -11.96 15.67
C LEU D 102 -16.87 -11.60 17.02
N SER D 103 -16.14 -11.90 18.09
CA SER D 103 -16.54 -11.51 19.42
C SER D 103 -15.30 -11.27 20.27
N PHE D 104 -15.49 -10.54 21.37
CA PHE D 104 -14.41 -10.19 22.28
C PHE D 104 -14.42 -11.10 23.49
N VAL D 105 -13.23 -11.29 24.06
CA VAL D 105 -13.01 -12.28 25.10
C VAL D 105 -11.84 -11.88 25.98
N ASP D 106 -11.85 -12.34 27.24
CA ASP D 106 -10.77 -12.09 28.20
C ASP D 106 -10.23 -10.66 28.16
N ILE D 107 -11.09 -9.70 28.46
CA ILE D 107 -10.70 -8.29 28.46
C ILE D 107 -9.92 -7.97 29.75
N THR D 108 -8.76 -7.35 29.59
CA THR D 108 -7.95 -6.89 30.75
C THR D 108 -7.68 -5.39 30.66
N ASP D 109 -6.78 -4.89 31.50
CA ASP D 109 -6.36 -3.50 31.42
C ASP D 109 -5.44 -3.20 30.20
N SER D 110 -4.76 -4.22 29.68
CA SER D 110 -3.76 -4.02 28.62
C SER D 110 -3.93 -4.92 27.39
N SER D 111 -4.98 -5.75 27.38
CA SER D 111 -5.15 -6.77 26.34
C SER D 111 -6.61 -7.04 25.99
N ILE D 112 -6.84 -7.45 24.74
CA ILE D 112 -8.19 -7.86 24.28
C ILE D 112 -8.09 -9.15 23.45
N GLY D 113 -8.86 -10.15 23.83
CA GLY D 113 -8.90 -11.40 23.09
C GLY D 113 -9.99 -11.37 22.03
N LEU D 114 -9.69 -11.98 20.88
CA LEU D 114 -10.61 -12.10 19.76
C LEU D 114 -10.93 -13.57 19.51
N ARG D 115 -12.16 -13.85 19.10
CA ARG D 115 -12.56 -15.19 18.70
C ARG D 115 -13.50 -15.14 17.51
N TRP D 116 -13.30 -16.04 16.57
CA TRP D 116 -14.14 -16.14 15.37
C TRP D 116 -14.07 -17.55 14.80
N THR D 117 -15.05 -17.90 13.96
CA THR D 117 -15.03 -19.14 13.20
C THR D 117 -14.38 -18.84 11.86
N PRO D 118 -13.24 -19.48 11.54
CA PRO D 118 -12.62 -19.32 10.23
C PRO D 118 -13.59 -19.77 9.15
N LEU D 119 -13.64 -19.02 8.06
CA LEU D 119 -14.57 -19.32 6.98
C LEU D 119 -14.05 -20.50 6.17
N ASN D 120 -14.98 -21.22 5.56
CA ASN D 120 -14.65 -22.34 4.68
C ASN D 120 -14.82 -21.84 3.26
N SER D 121 -13.71 -21.42 2.66
CA SER D 121 -13.67 -20.99 1.26
C SER D 121 -12.22 -21.10 0.83
N SER D 122 -11.95 -22.03 -0.08
CA SER D 122 -10.58 -22.46 -0.40
C SER D 122 -9.58 -21.35 -0.69
N THR D 123 -10.03 -20.22 -1.25
CA THR D 123 -9.10 -19.19 -1.68
C THR D 123 -8.64 -18.21 -0.57
N ILE D 124 -9.24 -18.35 0.61
CA ILE D 124 -8.86 -17.52 1.76
C ILE D 124 -7.46 -17.89 2.25
N ILE D 125 -6.58 -16.90 2.34
CA ILE D 125 -5.18 -17.13 2.69
C ILE D 125 -4.83 -16.67 4.12
N GLY D 126 -5.76 -16.00 4.78
CA GLY D 126 -5.55 -15.55 6.14
C GLY D 126 -6.50 -14.46 6.60
N TYR D 127 -6.17 -13.85 7.73
CA TYR D 127 -6.91 -12.71 8.26
C TYR D 127 -5.95 -11.60 8.71
N ARG D 128 -6.31 -10.37 8.40
CA ARG D 128 -5.60 -9.20 8.89
C ARG D 128 -6.39 -8.58 10.02
N ILE D 129 -5.68 -8.23 11.09
CA ILE D 129 -6.25 -7.62 12.29
C ILE D 129 -5.68 -6.21 12.43
N THR D 130 -6.55 -5.22 12.66
CA THR D 130 -6.11 -3.85 12.87
C THR D 130 -6.66 -3.30 14.17
N VAL D 131 -5.88 -2.42 14.82
CA VAL D 131 -6.30 -1.78 16.05
C VAL D 131 -6.06 -0.28 15.90
N VAL D 132 -7.14 0.49 16.05
CA VAL D 132 -7.11 1.93 15.94
C VAL D 132 -7.72 2.49 17.22
N ALA D 133 -7.13 3.57 17.72
CA ALA D 133 -7.68 4.27 18.89
C ALA D 133 -8.86 5.10 18.44
N ALA D 134 -10.04 4.71 18.90
CA ALA D 134 -11.30 5.33 18.44
C ALA D 134 -11.36 6.85 18.60
N GLY D 135 -10.86 7.35 19.73
CA GLY D 135 -10.93 8.78 20.02
C GLY D 135 -10.19 9.64 19.00
N GLU D 136 -8.89 9.44 18.93
CA GLU D 136 -8.01 10.28 18.13
C GLU D 136 -7.88 9.79 16.69
N GLY D 137 -8.44 8.62 16.39
CA GLY D 137 -8.28 8.00 15.07
C GLY D 137 -6.82 7.81 14.71
N ILE D 138 -6.11 7.05 15.55
CA ILE D 138 -4.67 6.86 15.42
C ILE D 138 -4.39 5.36 15.37
N PRO D 139 -3.72 4.87 14.30
CA PRO D 139 -3.44 3.45 14.17
C PRO D 139 -2.45 2.98 15.24
N ILE D 140 -2.74 1.84 15.87
CA ILE D 140 -1.87 1.31 16.91
C ILE D 140 -1.07 0.11 16.44
N PHE D 141 -1.74 -0.84 15.81
CA PHE D 141 -1.15 -2.13 15.57
C PHE D 141 -1.86 -2.87 14.45
N GLU D 142 -1.10 -3.67 13.72
CA GLU D 142 -1.60 -4.48 12.62
C GLU D 142 -0.90 -5.83 12.72
N ASP D 143 -1.64 -6.92 12.51
CA ASP D 143 -1.03 -8.24 12.46
C ASP D 143 -1.75 -9.17 11.51
N PHE D 144 -1.17 -10.35 11.30
CA PHE D 144 -1.70 -11.32 10.34
C PHE D 144 -1.71 -12.73 10.93
N VAL D 145 -2.75 -13.49 10.59
CA VAL D 145 -2.85 -14.91 10.98
C VAL D 145 -3.26 -15.73 9.77
N ASP D 146 -2.92 -17.02 9.76
CA ASP D 146 -3.24 -17.85 8.61
C ASP D 146 -4.74 -18.21 8.57
N SER D 147 -5.19 -18.78 7.45
CA SER D 147 -6.63 -19.03 7.22
C SER D 147 -7.29 -20.03 8.18
N SER D 148 -6.49 -20.73 8.98
CA SER D 148 -7.03 -21.74 9.89
C SER D 148 -7.16 -21.24 11.32
N VAL D 149 -6.60 -20.06 11.59
CA VAL D 149 -6.60 -19.49 12.93
C VAL D 149 -7.88 -18.69 13.18
N GLY D 150 -8.51 -18.95 14.33
CA GLY D 150 -9.75 -18.28 14.69
C GLY D 150 -9.73 -17.62 16.04
N TYR D 151 -8.53 -17.20 16.47
CA TYR D 151 -8.38 -16.50 17.73
C TYR D 151 -7.14 -15.65 17.67
N TYR D 152 -7.09 -14.63 18.52
CA TYR D 152 -5.97 -13.71 18.58
C TYR D 152 -6.08 -12.86 19.84
N THR D 153 -4.92 -12.45 20.36
CA THR D 153 -4.90 -11.57 21.51
C THR D 153 -4.11 -10.29 21.24
N VAL D 154 -4.80 -9.16 21.30
CA VAL D 154 -4.16 -7.87 21.14
C VAL D 154 -3.58 -7.46 22.49
N THR D 155 -2.26 -7.30 22.58
CA THR D 155 -1.59 -6.90 23.82
C THR D 155 -0.95 -5.50 23.76
N GLY D 156 -0.37 -5.07 24.88
CA GLY D 156 0.33 -3.80 24.99
C GLY D 156 -0.56 -2.57 24.81
N LEU D 157 -1.83 -2.69 25.16
CA LEU D 157 -2.77 -1.59 25.02
C LEU D 157 -2.71 -0.70 26.26
N GLU D 158 -3.47 0.38 26.26
CA GLU D 158 -3.52 1.29 27.40
C GLU D 158 -4.85 1.12 28.12
N PRO D 159 -4.86 1.36 29.45
CA PRO D 159 -6.09 1.18 30.22
C PRO D 159 -7.14 2.24 29.91
N GLY D 160 -8.41 1.83 29.95
CA GLY D 160 -9.54 2.74 29.83
C GLY D 160 -9.69 3.46 28.51
N ILE D 161 -9.25 2.82 27.43
CA ILE D 161 -9.29 3.40 26.09
C ILE D 161 -10.20 2.58 25.18
N ASP D 162 -11.02 3.27 24.39
CA ASP D 162 -11.82 2.62 23.33
C ASP D 162 -10.98 2.31 22.07
N TYR D 163 -10.96 1.04 21.69
CA TYR D 163 -10.25 0.61 20.50
C TYR D 163 -11.21 0.10 19.42
N ASP D 164 -11.01 0.54 18.18
CA ASP D 164 -11.73 -0.03 17.04
C ASP D 164 -10.88 -1.15 16.48
N ILE D 165 -11.34 -2.38 16.70
CA ILE D 165 -10.62 -3.56 16.26
C ILE D 165 -11.32 -4.15 15.04
N SER D 166 -10.57 -4.41 13.98
CA SER D 166 -11.13 -5.02 12.78
C SER D 166 -10.44 -6.33 12.45
N VAL D 167 -11.21 -7.30 11.97
CA VAL D 167 -10.64 -8.49 11.34
C VAL D 167 -11.13 -8.58 9.91
N ILE D 168 -10.19 -8.72 8.98
CA ILE D 168 -10.44 -8.63 7.55
C ILE D 168 -10.04 -9.94 6.88
N THR D 169 -10.94 -10.50 6.09
CA THR D 169 -10.71 -11.77 5.38
C THR D 169 -9.81 -11.51 4.17
N LEU D 170 -8.70 -12.25 4.05
CA LEU D 170 -7.71 -12.04 2.97
C LEU D 170 -7.75 -13.10 1.87
N ILE D 171 -7.71 -12.67 0.62
CA ILE D 171 -7.34 -13.54 -0.49
C ILE D 171 -6.07 -12.98 -1.11
N ASN D 172 -5.45 -13.75 -1.99
CA ASN D 172 -4.31 -13.25 -2.73
C ASN D 172 -4.61 -12.05 -3.61
N GLY D 173 -4.19 -10.87 -3.17
CA GLY D 173 -4.42 -9.65 -3.93
C GLY D 173 -5.80 -9.04 -3.77
N GLY D 174 -6.38 -9.19 -2.58
CA GLY D 174 -7.71 -8.65 -2.28
C GLY D 174 -8.17 -8.99 -0.87
N GLU D 175 -9.28 -8.39 -0.46
CA GLU D 175 -9.80 -8.62 0.89
C GLU D 175 -11.31 -8.31 1.03
N SER D 176 -11.88 -8.76 2.14
CA SER D 176 -13.28 -8.50 2.45
C SER D 176 -13.46 -7.08 2.96
N ALA D 177 -14.70 -6.63 3.04
CA ALA D 177 -15.01 -5.48 3.88
C ALA D 177 -14.57 -5.83 5.33
N PRO D 178 -14.13 -4.82 6.10
CA PRO D 178 -13.75 -5.07 7.49
C PRO D 178 -14.92 -5.45 8.38
N THR D 179 -14.68 -6.38 9.31
CA THR D 179 -15.63 -6.62 10.40
C THR D 179 -15.07 -5.88 11.62
N THR D 180 -15.65 -4.71 11.91
CA THR D 180 -15.14 -3.82 12.95
C THR D 180 -16.04 -3.82 14.17
N LEU D 181 -15.43 -3.97 15.35
CA LEU D 181 -16.14 -3.74 16.61
C LEU D 181 -15.31 -2.86 17.53
N THR D 182 -15.99 -2.20 18.47
CA THR D 182 -15.35 -1.31 19.43
C THR D 182 -15.33 -1.92 20.84
N GLN D 183 -14.17 -1.89 21.47
CA GLN D 183 -14.01 -2.39 22.83
C GLN D 183 -13.14 -1.46 23.67
N GLN D 184 -13.62 -1.16 24.87
CA GLN D 184 -12.84 -0.40 25.86
C GLN D 184 -12.02 -1.38 26.71
N THR D 185 -10.75 -1.06 26.92
CA THR D 185 -9.92 -1.80 27.86
C THR D 185 -10.31 -1.45 29.28
N ALA D 186 -10.08 -2.37 30.20
CA ALA D 186 -10.42 -2.17 31.59
C ALA D 186 -9.56 -1.10 32.24
N VAL D 187 -10.09 -0.49 33.30
CA VAL D 187 -9.31 0.29 34.25
C VAL D 187 -9.11 -0.62 35.45
N PRO D 188 -7.85 -0.82 35.89
CA PRO D 188 -7.61 -1.79 36.95
C PRO D 188 -8.04 -1.29 38.33
N PRO D 189 -8.65 -2.17 39.15
CA PRO D 189 -9.09 -1.80 40.50
C PRO D 189 -7.94 -1.67 41.52
N PRO D 190 -8.17 -0.95 42.63
CA PRO D 190 -7.26 -1.04 43.77
C PRO D 190 -7.50 -2.36 44.54
N THR D 191 -6.54 -2.75 45.37
CA THR D 191 -6.66 -4.01 46.13
C THR D 191 -6.42 -3.79 47.62
N ASP D 192 -6.73 -4.81 48.42
CA ASP D 192 -6.46 -4.84 49.86
C ASP D 192 -7.07 -3.65 50.63
N LEU D 193 -8.39 -3.66 50.77
CA LEU D 193 -9.09 -2.66 51.57
C LEU D 193 -8.81 -2.88 53.08
N ARG D 194 -8.41 -1.82 53.79
CA ARG D 194 -8.18 -1.89 55.23
C ARG D 194 -8.80 -0.71 55.99
N PHE D 195 -9.17 -0.95 57.24
CA PHE D 195 -9.75 0.08 58.08
C PHE D 195 -8.92 0.26 59.34
N THR D 196 -8.56 1.50 59.65
CA THR D 196 -7.80 1.80 60.86
C THR D 196 -8.37 3.03 61.54
N ASN D 197 -7.84 3.37 62.72
CA ASN D 197 -8.25 4.57 63.46
C ASN D 197 -9.79 4.69 63.60
N ILE D 198 -10.42 3.60 64.06
CA ILE D 198 -11.88 3.55 64.17
C ILE D 198 -12.33 4.28 65.43
N GLY D 199 -13.32 5.16 65.27
CA GLY D 199 -13.92 5.87 66.39
C GLY D 199 -15.44 5.82 66.35
N PRO D 200 -16.10 6.71 67.11
CA PRO D 200 -17.55 6.83 67.01
C PRO D 200 -18.02 7.43 65.68
N ASP D 201 -17.32 8.45 65.18
CA ASP D 201 -17.76 9.19 64.00
C ASP D 201 -16.77 9.14 62.84
N THR D 202 -15.68 8.39 63.01
CA THR D 202 -14.61 8.37 62.01
C THR D 202 -13.99 6.99 61.78
N MET D 203 -13.52 6.76 60.56
CA MET D 203 -12.64 5.63 60.25
C MET D 203 -11.68 6.01 59.13
N ARG D 204 -10.48 5.43 59.17
CA ARG D 204 -9.51 5.62 58.10
C ARG D 204 -9.63 4.45 57.12
N VAL D 205 -9.76 4.77 55.84
CA VAL D 205 -9.87 3.75 54.79
C VAL D 205 -8.62 3.77 53.93
N THR D 206 -7.99 2.61 53.76
CA THR D 206 -6.74 2.52 53.00
C THR D 206 -6.82 1.38 52.00
N TRP D 207 -6.18 1.57 50.85
CA TRP D 207 -6.12 0.57 49.80
C TRP D 207 -4.72 0.56 49.16
N ALA D 208 -4.44 -0.50 48.39
CA ALA D 208 -3.26 -0.54 47.55
C ALA D 208 -3.65 -0.16 46.12
N PRO D 209 -3.11 0.95 45.61
CA PRO D 209 -3.47 1.38 44.26
C PRO D 209 -2.92 0.37 43.25
N PRO D 210 -3.54 0.29 42.04
CA PRO D 210 -3.00 -0.57 40.97
C PRO D 210 -1.61 -0.08 40.55
N PRO D 211 -0.70 -1.01 40.20
CA PRO D 211 0.66 -0.59 39.89
C PRO D 211 0.76 0.01 38.49
N SER D 212 1.81 0.81 38.28
CA SER D 212 2.12 1.40 36.97
C SER D 212 0.90 1.90 36.17
N ILE D 213 0.27 2.96 36.68
CA ILE D 213 -0.82 3.62 35.98
C ILE D 213 -1.04 5.01 36.56
N ASP D 214 -1.22 5.99 35.67
CA ASP D 214 -1.50 7.36 36.05
C ASP D 214 -3.01 7.59 36.04
N LEU D 215 -3.65 7.35 37.18
CA LEU D 215 -5.08 7.57 37.30
C LEU D 215 -5.38 9.06 37.39
N THR D 216 -6.61 9.43 37.02
CA THR D 216 -7.06 10.80 37.20
C THR D 216 -7.34 11.02 38.69
N ASN D 217 -8.00 10.02 39.30
CA ASN D 217 -8.35 10.05 40.72
C ASN D 217 -8.85 8.68 41.19
N PHE D 218 -9.11 8.58 42.49
CA PHE D 218 -9.88 7.48 43.06
C PHE D 218 -11.26 7.99 43.43
N LEU D 219 -12.23 7.10 43.46
CA LEU D 219 -13.60 7.49 43.80
C LEU D 219 -14.06 6.58 44.93
N VAL D 220 -14.15 7.19 46.11
CA VAL D 220 -14.58 6.51 47.34
C VAL D 220 -16.07 6.76 47.53
N ARG D 221 -16.81 5.67 47.69
CA ARG D 221 -18.24 5.73 48.01
C ARG D 221 -18.51 4.97 49.30
N TYR D 222 -19.38 5.53 50.13
CA TYR D 222 -19.75 4.90 51.40
C TYR D 222 -21.16 5.25 51.80
N SER D 223 -21.82 4.30 52.45
CA SER D 223 -23.16 4.50 53.00
C SER D 223 -23.37 3.52 54.15
N PRO D 224 -24.32 3.81 55.06
CA PRO D 224 -24.62 2.82 56.10
C PRO D 224 -25.26 1.59 55.47
N VAL D 225 -24.93 0.42 55.97
CA VAL D 225 -25.46 -0.85 55.46
C VAL D 225 -26.99 -0.89 55.61
N LYS D 226 -27.49 -0.32 56.71
CA LYS D 226 -28.93 -0.30 56.99
C LYS D 226 -29.65 0.82 56.22
N ASN D 227 -28.88 1.54 55.39
CA ASN D 227 -29.40 2.66 54.62
C ASN D 227 -28.54 2.83 53.35
N GLU D 228 -28.42 1.73 52.60
CA GLU D 228 -27.40 1.57 51.55
C GLU D 228 -27.52 2.51 50.35
N GLU D 229 -28.75 2.96 50.08
CA GLU D 229 -29.02 3.86 48.97
C GLU D 229 -28.41 5.25 49.22
N ASP D 230 -28.23 5.59 50.49
CA ASP D 230 -27.80 6.91 50.91
C ASP D 230 -26.28 7.07 50.77
N VAL D 231 -25.82 7.14 49.53
CA VAL D 231 -24.38 7.11 49.25
C VAL D 231 -23.76 8.52 49.29
N ALA D 232 -22.70 8.63 50.09
CA ALA D 232 -21.82 9.80 50.04
C ALA D 232 -20.62 9.46 49.15
N GLU D 233 -20.14 10.45 48.39
CA GLU D 233 -19.13 10.21 47.36
C GLU D 233 -17.96 11.20 47.45
N LEU D 234 -16.73 10.68 47.47
CA LEU D 234 -15.51 11.49 47.57
C LEU D 234 -14.52 11.25 46.43
N SER D 235 -13.95 12.34 45.91
CA SER D 235 -12.85 12.26 44.96
C SER D 235 -11.52 12.34 45.68
N ILE D 236 -10.65 11.37 45.41
CA ILE D 236 -9.36 11.27 46.07
C ILE D 236 -8.25 11.35 45.05
N SER D 237 -7.25 12.18 45.35
CA SER D 237 -6.07 12.34 44.51
C SER D 237 -5.43 10.99 44.16
N PRO D 238 -5.06 10.79 42.89
CA PRO D 238 -4.45 9.51 42.48
C PRO D 238 -3.14 9.26 43.21
N SER D 239 -2.62 10.32 43.83
CA SER D 239 -1.36 10.30 44.54
C SER D 239 -1.55 9.76 45.95
N ASP D 240 -2.80 9.77 46.42
CA ASP D 240 -3.14 9.21 47.73
C ASP D 240 -3.73 7.81 47.60
N ASN D 241 -3.58 7.02 48.66
CA ASN D 241 -4.15 5.70 48.73
C ASN D 241 -5.01 5.55 49.98
N ALA D 242 -5.44 6.67 50.55
CA ALA D 242 -6.24 6.66 51.78
C ALA D 242 -7.13 7.88 51.93
N VAL D 243 -8.17 7.75 52.75
CA VAL D 243 -9.00 8.87 53.17
C VAL D 243 -9.56 8.65 54.56
N VAL D 244 -9.70 9.73 55.32
CA VAL D 244 -10.37 9.71 56.62
C VAL D 244 -11.84 10.08 56.43
N LEU D 245 -12.73 9.16 56.79
CA LEU D 245 -14.17 9.42 56.81
C LEU D 245 -14.58 10.09 58.12
N THR D 246 -15.42 11.12 58.03
CA THR D 246 -15.86 11.86 59.22
C THR D 246 -17.38 12.06 59.23
N ASN D 247 -17.89 12.53 60.37
CA ASN D 247 -19.32 12.77 60.57
C ASN D 247 -20.18 11.53 60.35
N LEU D 248 -19.74 10.42 60.93
CA LEU D 248 -20.46 9.15 60.82
C LEU D 248 -21.30 8.90 62.08
N LEU D 249 -22.19 7.92 61.99
CA LEU D 249 -23.03 7.53 63.12
C LEU D 249 -22.30 6.48 63.96
N PRO D 250 -22.41 6.58 65.30
CA PRO D 250 -21.82 5.58 66.19
C PRO D 250 -22.53 4.24 66.14
N GLY D 251 -21.79 3.17 66.40
CA GLY D 251 -22.31 1.80 66.34
C GLY D 251 -23.01 1.47 65.03
N THR D 252 -22.38 1.80 63.91
CA THR D 252 -23.02 1.68 62.60
C THR D 252 -22.11 1.05 61.55
N GLU D 253 -22.60 -0.02 60.92
CA GLU D 253 -21.87 -0.68 59.84
C GLU D 253 -22.01 0.13 58.55
N TYR D 254 -20.87 0.51 57.98
CA TYR D 254 -20.82 1.21 56.69
C TYR D 254 -20.25 0.29 55.63
N VAL D 255 -20.77 0.43 54.40
CA VAL D 255 -20.21 -0.22 53.21
C VAL D 255 -19.31 0.78 52.49
N VAL D 256 -18.08 0.38 52.23
CA VAL D 256 -17.17 1.28 51.55
C VAL D 256 -16.67 0.66 50.25
N SER D 257 -16.69 1.45 49.19
CA SER D 257 -16.12 1.01 47.93
C SER D 257 -15.14 2.05 47.39
N VAL D 258 -14.06 1.56 46.81
CA VAL D 258 -13.04 2.41 46.22
C VAL D 258 -12.88 1.97 44.77
N SER D 259 -12.80 2.94 43.87
CA SER D 259 -12.72 2.65 42.45
C SER D 259 -11.67 3.52 41.80
N SER D 260 -10.85 2.89 40.95
CA SER D 260 -9.89 3.62 40.15
C SER D 260 -10.66 4.37 39.08
N VAL D 261 -10.22 5.56 38.74
CA VAL D 261 -10.84 6.33 37.66
C VAL D 261 -9.77 6.84 36.71
N TYR D 262 -9.87 6.45 35.44
CA TYR D 262 -9.05 7.02 34.38
C TYR D 262 -9.93 7.36 33.18
N GLU D 263 -9.69 8.53 32.60
CA GLU D 263 -10.48 9.02 31.46
C GLU D 263 -11.99 8.94 31.67
N GLN D 264 -12.40 9.22 32.91
CA GLN D 264 -13.81 9.21 33.34
C GLN D 264 -14.45 7.81 33.32
N HIS D 265 -13.62 6.80 33.06
CA HIS D 265 -14.07 5.42 33.15
C HIS D 265 -13.57 4.86 34.47
N GLU D 266 -14.42 4.10 35.14
CA GLU D 266 -14.00 3.54 36.42
C GLU D 266 -13.80 2.03 36.37
N SER D 267 -13.06 1.54 37.35
CA SER D 267 -12.81 0.12 37.49
C SER D 267 -13.94 -0.57 38.24
N THR D 268 -13.83 -1.90 38.38
CA THR D 268 -14.64 -2.63 39.34
C THR D 268 -14.38 -2.03 40.72
N PRO D 269 -15.41 -2.01 41.59
CA PRO D 269 -15.18 -1.40 42.91
C PRO D 269 -14.42 -2.34 43.84
N LEU D 270 -13.54 -1.79 44.67
CA LEU D 270 -12.97 -2.54 45.79
C LEU D 270 -13.86 -2.27 47.00
N ARG D 271 -14.54 -3.30 47.50
CA ARG D 271 -15.58 -3.15 48.52
C ARG D 271 -15.29 -3.86 49.84
N GLY D 272 -15.77 -3.29 50.94
CA GLY D 272 -15.67 -3.85 52.27
C GLY D 272 -16.65 -3.23 53.26
N ARG D 273 -16.78 -3.83 54.44
CA ARG D 273 -17.69 -3.33 55.47
C ARG D 273 -16.97 -3.11 56.82
N GLN D 274 -17.42 -2.11 57.58
CA GLN D 274 -16.77 -1.74 58.85
C GLN D 274 -17.70 -1.02 59.84
N LYS D 275 -17.80 -1.55 61.05
CA LYS D 275 -18.56 -0.92 62.13
C LYS D 275 -17.80 0.24 62.77
N THR D 276 -18.45 1.39 62.92
CA THR D 276 -17.91 2.46 63.75
C THR D 276 -17.97 2.01 65.21
N GLY D 277 -17.07 2.52 66.04
CA GLY D 277 -17.06 2.21 67.47
C GLY D 277 -18.31 2.70 68.18
N SER D 278 -18.64 2.06 69.29
CA SER D 278 -19.77 2.49 70.13
C SER D 278 -19.52 3.86 70.75
N ALA D 279 -20.60 4.62 70.92
CA ALA D 279 -20.55 5.87 71.68
C ALA D 279 -20.84 5.56 73.14
N HIS D 280 -19.85 5.78 74.00
CA HIS D 280 -19.99 5.53 75.45
C HIS D 280 -19.44 6.67 76.29
#